data_8PLY
#
_entry.id   8PLY
#
_cell.length_a   62.210
_cell.length_b   103.430
_cell.length_c   134.220
_cell.angle_alpha   90.000
_cell.angle_beta   91.970
_cell.angle_gamma   90.000
#
_symmetry.space_group_name_H-M   'P 1 21 1'
#
loop_
_entity.id
_entity.type
_entity.pdbx_description
1 polymer 'Thioredoxin glutathione reductase'
2 non-polymer 'FLAVIN-ADENINE DINUCLEOTIDE'
3 non-polymer 4-({[(thiophen-2-yl)methyl]amino}methyl)phenol
4 water water
#
_entity_poly.entity_id   1
_entity_poly.type   'polypeptide(L)'
_entity_poly.pdbx_seq_one_letter_code
;GPPPADGTSQWLRKTVDSAAVILFSKTTCPYCKKVKDVLAEAKIKHATIELDQLSNGSAIQKCLASFSKIETVPQMFVRG
KFIGDSQTVLKYYSNDELAGIVNESKYDYDLIVIGGGSGGLAAGKEAAKYGAKTAVLDYVEPTPIGTTWGLGGTCVNVGC
IPKKLMHQAGLLSHALEDAEHFGWSLDRSKISHNWSTMVEGVQSHIGSLNWGYKVALRDNQVTYLNAKGRLISPHEVQIT
DKNQKVSTITGNKIILATGERPKYPEIPGAVEYGITSDDLFSLPYFPGKTLVIGASYVALECAGFLASLGGDVTVMVRSI
LLRGFDQQMAEKVGDYMENHGVKFAKLCVPDEIKQLKVVDTENNKPGLLLVKGHYTDGKKFEEEFETVIFAVGREPQLSK
VLCETVGVKLDKNGRVVCTDDEQTTVSNVYAIGDINAGKPQLTPVAIQAGRYLARRLFAGATELTDYSNVATTVFTPLEY
GACGLSEEDAIEKYGDKDIEVYHSNFKPLEWTVAHREDNVCYMKLVCRKSDNMRVLGLHVLGPNAGEITQGYAVAIKMGA
TKADFDRTIGIHPTCSETFTTLHVTKKSGVSPIVSGC
;
_entity_poly.pdbx_strand_id   A,B
#
# COMPACT_ATOMS: atom_id res chain seq x y z
N GLY A 7 34.42 17.18 19.79
CA GLY A 7 33.13 16.78 19.26
C GLY A 7 32.87 17.33 17.86
N THR A 8 32.48 18.61 17.79
CA THR A 8 32.49 19.32 16.52
C THR A 8 33.88 19.28 15.89
N SER A 9 34.91 19.46 16.70
CA SER A 9 36.29 19.45 16.21
C SER A 9 36.63 18.14 15.47
N GLN A 10 36.21 16.99 16.01
CA GLN A 10 36.53 15.72 15.35
C GLN A 10 35.78 15.56 14.04
N TRP A 11 34.52 16.02 13.97
CA TRP A 11 33.78 15.94 12.71
C TRP A 11 34.49 16.71 11.62
N LEU A 12 34.85 17.98 11.89
CA LEU A 12 35.44 18.82 10.86
C LEU A 12 36.74 18.24 10.32
N ARG A 13 37.48 17.53 11.16
CA ARG A 13 38.74 16.96 10.70
C ARG A 13 38.55 15.67 9.92
N LYS A 14 37.52 14.88 10.26
CA LYS A 14 37.17 13.73 9.43
C LYS A 14 36.69 14.18 8.06
N THR A 15 35.84 15.21 8.01
CA THR A 15 35.31 15.71 6.75
C THR A 15 36.43 16.27 5.87
N VAL A 16 37.30 17.15 6.43
CA VAL A 16 38.36 17.74 5.61
C VAL A 16 39.36 16.67 5.15
N ASP A 17 39.56 15.60 5.92
CA ASP A 17 40.59 14.63 5.60
C ASP A 17 40.22 13.70 4.46
N SER A 18 38.93 13.33 4.31
CA SER A 18 38.53 12.42 3.24
C SER A 18 37.80 13.07 2.07
N ALA A 19 37.26 14.28 2.22
CA ALA A 19 36.66 14.97 1.09
C ALA A 19 37.67 15.19 -0.03
N ALA A 20 37.19 15.09 -1.27
CA ALA A 20 38.07 15.24 -2.43
C ALA A 20 38.28 16.70 -2.80
N VAL A 21 37.18 17.42 -3.02
CA VAL A 21 37.13 18.87 -3.17
C VAL A 21 35.92 19.34 -2.35
N ILE A 22 36.12 20.33 -1.48
CA ILE A 22 35.07 20.78 -0.56
C ILE A 22 35.22 22.28 -0.31
N LEU A 23 34.08 22.97 -0.33
CA LEU A 23 34.00 24.41 -0.14
C LEU A 23 33.15 24.68 1.10
N PHE A 24 33.73 25.36 2.08
CA PHE A 24 32.95 25.90 3.21
C PHE A 24 32.47 27.30 2.84
N SER A 25 31.19 27.57 3.11
CA SER A 25 30.53 28.68 2.47
C SER A 25 29.38 29.16 3.35
N LYS A 26 28.74 30.26 2.94
CA LYS A 26 27.45 30.68 3.47
C LYS A 26 26.55 31.16 2.35
N THR A 27 25.23 30.98 2.54
CA THR A 27 24.27 31.20 1.48
C THR A 27 24.10 32.68 1.14
N THR A 28 24.52 33.57 2.03
CA THR A 28 24.36 34.99 1.81
C THR A 28 25.61 35.63 1.22
N CYS A 29 26.79 35.08 1.55
CA CYS A 29 28.09 35.65 1.17
C CYS A 29 28.25 35.75 -0.35
N PRO A 30 28.47 36.95 -0.90
CA PRO A 30 28.70 37.07 -2.35
C PRO A 30 30.16 36.84 -2.76
N TYR A 31 31.07 36.68 -1.79
CA TYR A 31 32.38 36.16 -2.13
C TYR A 31 32.33 34.67 -2.42
N CYS A 32 31.54 33.93 -1.62
CA CYS A 32 31.40 32.50 -1.85
C CYS A 32 30.70 32.23 -3.18
N LYS A 33 29.70 33.04 -3.51
CA LYS A 33 29.05 32.92 -4.83
C LYS A 33 30.06 33.10 -5.95
N LYS A 34 31.10 33.90 -5.73
CA LYS A 34 32.12 34.11 -6.75
C LYS A 34 32.93 32.85 -6.98
N VAL A 35 33.26 32.13 -5.89
CA VAL A 35 34.07 30.93 -6.04
C VAL A 35 33.22 29.81 -6.65
N LYS A 36 31.97 29.69 -6.22
CA LYS A 36 31.09 28.67 -6.81
C LYS A 36 31.03 28.81 -8.32
N ASP A 37 30.95 30.06 -8.80
CA ASP A 37 30.80 30.32 -10.23
C ASP A 37 32.07 29.97 -11.01
N VAL A 38 33.24 30.24 -10.42
CA VAL A 38 34.49 29.82 -11.03
C VAL A 38 34.59 28.30 -11.08
N LEU A 39 34.31 27.63 -9.95
CA LEU A 39 34.35 26.18 -9.93
C LEU A 39 33.36 25.59 -10.95
N ALA A 40 32.12 26.09 -10.97
CA ALA A 40 31.13 25.64 -11.96
C ALA A 40 31.68 25.77 -13.38
N GLU A 41 32.18 26.96 -13.74
CA GLU A 41 32.65 27.18 -15.11
C GLU A 41 33.79 26.25 -15.48
N ALA A 42 34.63 25.89 -14.51
CA ALA A 42 35.79 25.04 -14.77
C ALA A 42 35.44 23.55 -14.73
N LYS A 43 34.14 23.22 -14.65
CA LYS A 43 33.68 21.83 -14.56
C LYS A 43 34.32 21.11 -13.36
N ILE A 44 34.57 21.84 -12.29
CA ILE A 44 35.14 21.28 -11.08
C ILE A 44 33.98 20.90 -10.16
N LYS A 45 33.77 19.60 -9.97
CA LYS A 45 32.73 19.13 -9.06
C LYS A 45 33.25 19.12 -7.63
N HIS A 46 32.36 19.46 -6.70
CA HIS A 46 32.78 19.65 -5.32
C HIS A 46 31.57 19.54 -4.41
N ALA A 47 31.83 19.16 -3.17
CA ALA A 47 30.85 19.29 -2.12
C ALA A 47 30.86 20.72 -1.60
N THR A 48 29.75 21.10 -0.96
CA THR A 48 29.58 22.43 -0.39
C THR A 48 28.88 22.30 0.94
N ILE A 49 29.41 22.97 1.96
CA ILE A 49 28.76 23.06 3.26
C ILE A 49 28.42 24.52 3.51
N GLU A 50 27.16 24.80 3.78
CA GLU A 50 26.68 26.18 3.97
C GLU A 50 26.53 26.41 5.48
N LEU A 51 27.53 27.08 6.06
CA LEU A 51 27.66 27.18 7.51
C LEU A 51 26.41 27.77 8.16
N ASP A 52 25.76 28.72 7.49
CA ASP A 52 24.61 29.38 8.10
C ASP A 52 23.37 28.50 8.14
N GLN A 53 23.41 27.32 7.51
CA GLN A 53 22.32 26.35 7.54
C GLN A 53 22.55 25.24 8.55
N LEU A 54 23.67 25.27 9.26
CA LEU A 54 24.04 24.24 10.23
C LEU A 54 23.88 24.79 11.63
N SER A 55 23.43 23.93 12.55
CA SER A 55 23.06 24.34 13.89
C SER A 55 24.24 24.84 14.71
N ASN A 56 25.48 24.60 14.26
CA ASN A 56 26.67 24.98 15.01
C ASN A 56 27.76 25.51 14.06
N GLY A 57 27.34 26.22 13.01
CA GLY A 57 28.26 26.83 12.09
C GLY A 57 29.23 27.82 12.72
N SER A 58 28.92 28.32 13.91
CA SER A 58 29.84 29.23 14.60
C SER A 58 31.10 28.50 15.05
N ALA A 59 30.93 27.48 15.89
CA ALA A 59 32.08 26.73 16.36
C ALA A 59 32.80 26.01 15.21
N ILE A 60 32.08 25.68 14.14
CA ILE A 60 32.73 25.07 12.98
C ILE A 60 33.64 26.10 12.31
N GLN A 61 33.11 27.32 12.12
CA GLN A 61 33.88 28.37 11.45
C GLN A 61 35.13 28.73 12.25
N LYS A 62 35.05 28.71 13.58
CA LYS A 62 36.26 28.87 14.38
C LYS A 62 37.19 27.68 14.18
N CYS A 63 36.66 26.46 14.30
CA CYS A 63 37.50 25.28 14.26
C CYS A 63 38.22 25.14 12.92
N LEU A 64 37.67 25.73 11.85
CA LEU A 64 38.33 25.74 10.55
C LEU A 64 39.73 26.35 10.61
N ALA A 65 39.92 27.37 11.45
CA ALA A 65 41.20 28.05 11.51
C ALA A 65 42.34 27.13 11.95
N SER A 66 42.03 26.01 12.60
CA SER A 66 43.07 25.07 12.98
C SER A 66 43.80 24.51 11.77
N PHE A 67 43.15 24.50 10.60
CA PHE A 67 43.72 24.01 9.35
C PHE A 67 44.19 25.13 8.43
N SER A 68 43.46 26.24 8.39
CA SER A 68 43.71 27.27 7.40
C SER A 68 44.33 28.53 7.97
N LYS A 69 44.31 28.70 9.29
CA LYS A 69 44.76 29.88 10.00
C LYS A 69 43.91 31.11 9.69
N ILE A 70 42.72 30.91 9.11
CA ILE A 70 41.74 31.97 8.95
C ILE A 70 40.40 31.46 9.46
N GLU A 71 39.49 32.40 9.73
CA GLU A 71 38.20 32.07 10.32
C GLU A 71 37.05 32.51 9.44
N THR A 72 37.31 32.84 8.19
CA THR A 72 36.32 33.45 7.30
C THR A 72 35.87 32.45 6.24
N VAL A 73 34.83 32.82 5.51
CA VAL A 73 34.37 32.01 4.38
C VAL A 73 34.48 32.88 3.13
N PRO A 74 34.68 32.29 1.93
CA PRO A 74 34.80 30.87 1.62
C PRO A 74 36.18 30.30 1.95
N GLN A 75 36.22 28.98 2.16
CA GLN A 75 37.47 28.24 2.28
C GLN A 75 37.35 27.00 1.40
N MET A 76 38.33 26.79 0.54
CA MET A 76 38.36 25.64 -0.35
C MET A 76 39.51 24.72 0.01
N PHE A 77 39.21 23.42 0.07
CA PHE A 77 40.16 22.36 0.40
C PHE A 77 40.19 21.33 -0.72
N VAL A 78 41.33 20.64 -0.84
CA VAL A 78 41.46 19.52 -1.78
C VAL A 78 42.21 18.41 -1.07
N ARG A 79 41.53 17.28 -0.85
CA ARG A 79 42.15 16.10 -0.26
C ARG A 79 42.98 16.45 0.98
N GLY A 80 42.32 17.08 1.94
CA GLY A 80 42.93 17.40 3.21
C GLY A 80 43.69 18.70 3.29
N LYS A 81 44.10 19.29 2.17
CA LYS A 81 44.98 20.47 2.15
C LYS A 81 44.20 21.75 1.84
N PHE A 82 44.41 22.79 2.66
CA PHE A 82 43.76 24.09 2.45
C PHE A 82 44.34 24.80 1.22
N ILE A 83 43.45 25.29 0.36
CA ILE A 83 43.82 25.74 -0.97
C ILE A 83 43.76 27.26 -1.09
N GLY A 84 42.80 27.90 -0.43
CA GLY A 84 42.82 29.34 -0.36
C GLY A 84 41.45 29.91 -0.06
N ASP A 85 41.45 31.22 0.17
CA ASP A 85 40.23 32.02 0.18
C ASP A 85 39.95 32.48 -1.26
N SER A 86 39.05 33.45 -1.42
CA SER A 86 38.57 33.78 -2.76
C SER A 86 39.66 34.42 -3.63
N GLN A 87 40.54 35.26 -3.06
CA GLN A 87 41.57 35.86 -3.89
C GLN A 87 42.54 34.81 -4.40
N THR A 88 42.85 33.82 -3.55
CA THR A 88 43.83 32.80 -3.89
C THR A 88 43.30 31.82 -4.93
N VAL A 89 42.01 31.46 -4.84
CA VAL A 89 41.37 30.62 -5.85
C VAL A 89 41.32 31.34 -7.18
N LEU A 90 40.76 32.56 -7.19
CA LEU A 90 40.71 33.38 -8.40
C LEU A 90 42.08 33.49 -9.07
N LYS A 91 43.11 33.79 -8.27
CA LYS A 91 44.49 33.86 -8.77
C LYS A 91 44.90 32.58 -9.46
N TYR A 92 44.60 31.43 -8.84
CA TYR A 92 44.97 30.14 -9.41
C TYR A 92 44.25 29.90 -10.73
N TYR A 93 42.94 30.17 -10.76
CA TYR A 93 42.18 30.10 -12.01
C TYR A 93 42.79 31.01 -13.05
N SER A 94 42.88 32.31 -12.71
CA SER A 94 43.41 33.32 -13.62
C SER A 94 44.75 32.91 -14.23
N ASN A 95 45.59 32.18 -13.49
CA ASN A 95 46.94 31.88 -13.93
C ASN A 95 47.08 30.48 -14.53
N ASP A 96 45.96 29.78 -14.72
CA ASP A 96 45.91 28.43 -15.27
C ASP A 96 46.43 27.38 -14.28
N GLU A 97 46.42 27.68 -12.97
CA GLU A 97 46.98 26.76 -12.00
C GLU A 97 45.94 25.89 -11.31
N LEU A 98 44.64 26.23 -11.46
CA LEU A 98 43.61 25.61 -10.63
C LEU A 98 43.39 24.14 -11.00
N ALA A 99 43.38 23.81 -12.30
CA ALA A 99 43.12 22.43 -12.70
C ALA A 99 44.17 21.47 -12.14
N GLY A 100 45.42 21.92 -12.01
CA GLY A 100 46.49 21.05 -11.57
C GLY A 100 46.42 20.81 -10.08
N ILE A 101 46.06 21.86 -9.36
CA ILE A 101 45.88 21.74 -7.92
C ILE A 101 44.76 20.74 -7.61
N VAL A 102 43.62 20.87 -8.28
CA VAL A 102 42.44 20.05 -7.91
C VAL A 102 42.58 18.61 -8.38
N ASN A 103 43.48 18.31 -9.30
CA ASN A 103 43.77 16.94 -9.70
C ASN A 103 44.93 16.33 -8.92
N GLU A 104 45.47 17.04 -7.93
CA GLU A 104 46.62 16.54 -7.20
C GLU A 104 46.17 15.45 -6.23
N SER A 105 46.69 14.24 -6.41
CA SER A 105 46.33 13.14 -5.52
C SER A 105 47.52 12.21 -5.32
N LYS A 106 47.60 11.65 -4.11
CA LYS A 106 48.57 10.60 -3.83
C LYS A 106 48.17 9.26 -4.47
N TYR A 107 46.90 9.08 -4.83
CA TYR A 107 46.37 7.86 -5.43
C TYR A 107 45.78 8.14 -6.81
N ASP A 108 45.56 7.06 -7.59
CA ASP A 108 44.89 7.17 -8.89
C ASP A 108 43.44 7.65 -8.74
N TYR A 109 42.75 7.21 -7.69
CA TYR A 109 41.33 7.45 -7.51
C TYR A 109 41.03 7.80 -6.07
N ASP A 110 40.06 8.69 -5.86
CA ASP A 110 39.57 8.89 -4.52
C ASP A 110 38.79 7.68 -4.03
N LEU A 111 38.07 6.99 -4.93
CA LEU A 111 37.22 5.87 -4.55
C LEU A 111 37.33 4.79 -5.61
N ILE A 112 37.57 3.56 -5.16
CA ILE A 112 37.45 2.38 -6.02
C ILE A 112 36.33 1.52 -5.45
N VAL A 113 35.32 1.24 -6.26
CA VAL A 113 34.26 0.29 -5.91
C VAL A 113 34.55 -1.04 -6.63
N ILE A 114 34.76 -2.10 -5.85
CA ILE A 114 34.86 -3.46 -6.38
C ILE A 114 33.47 -4.08 -6.37
N GLY A 115 32.85 -4.16 -7.54
CA GLY A 115 31.51 -4.71 -7.70
C GLY A 115 30.53 -3.72 -8.29
N GLY A 116 29.97 -4.04 -9.47
CA GLY A 116 29.05 -3.13 -10.12
C GLY A 116 27.58 -3.54 -10.07
N GLY A 117 27.07 -3.77 -8.86
CA GLY A 117 25.68 -4.17 -8.72
C GLY A 117 24.84 -3.10 -8.07
N SER A 118 23.79 -3.50 -7.35
CA SER A 118 22.87 -2.54 -6.75
C SER A 118 23.61 -1.55 -5.84
N GLY A 119 24.33 -2.04 -4.82
CA GLY A 119 25.05 -1.13 -3.94
C GLY A 119 26.25 -0.45 -4.59
N GLY A 120 27.02 -1.22 -5.37
CA GLY A 120 28.25 -0.68 -5.97
C GLY A 120 28.01 0.48 -6.91
N LEU A 121 27.12 0.29 -7.90
CA LEU A 121 26.73 1.39 -8.78
C LEU A 121 26.19 2.59 -7.99
N ALA A 122 25.44 2.32 -6.92
CA ALA A 122 24.79 3.44 -6.23
C ALA A 122 25.81 4.28 -5.46
N ALA A 123 26.78 3.63 -4.80
CA ALA A 123 27.85 4.34 -4.13
C ALA A 123 28.67 5.18 -5.11
N GLY A 124 29.09 4.57 -6.22
CA GLY A 124 29.96 5.26 -7.16
C GLY A 124 29.34 6.53 -7.70
N LYS A 125 28.09 6.45 -8.20
CA LYS A 125 27.44 7.61 -8.78
C LYS A 125 27.29 8.70 -7.74
N GLU A 126 27.02 8.31 -6.49
CA GLU A 126 26.83 9.34 -5.47
C GLU A 126 28.14 10.05 -5.16
N ALA A 127 29.24 9.30 -5.01
CA ALA A 127 30.53 9.92 -4.71
C ALA A 127 30.98 10.86 -5.83
N ALA A 128 30.80 10.45 -7.09
CA ALA A 128 31.21 11.27 -8.23
C ALA A 128 30.58 12.66 -8.19
N LYS A 129 29.36 12.76 -7.67
CA LYS A 129 28.66 14.03 -7.61
C LYS A 129 29.39 15.09 -6.79
N TYR A 130 30.23 14.69 -5.83
CA TYR A 130 30.94 15.64 -4.98
C TYR A 130 32.42 15.74 -5.34
N GLY A 131 32.77 15.40 -6.57
CA GLY A 131 34.12 15.59 -7.07
C GLY A 131 35.09 14.46 -6.79
N ALA A 132 34.62 13.32 -6.30
CA ALA A 132 35.49 12.18 -6.07
C ALA A 132 35.78 11.48 -7.41
N LYS A 133 37.06 11.37 -7.75
CA LYS A 133 37.48 10.61 -8.92
C LYS A 133 37.26 9.13 -8.65
N THR A 134 36.33 8.53 -9.39
CA THR A 134 35.79 7.23 -9.03
C THR A 134 35.98 6.21 -10.13
N ALA A 135 36.28 4.99 -9.74
CA ALA A 135 36.30 3.83 -10.62
C ALA A 135 35.37 2.76 -10.05
N VAL A 136 34.56 2.14 -10.89
CA VAL A 136 33.83 0.96 -10.48
C VAL A 136 34.23 -0.20 -11.38
N LEU A 137 34.55 -1.32 -10.75
CA LEU A 137 34.92 -2.55 -11.40
C LEU A 137 33.72 -3.47 -11.38
N ASP A 138 33.50 -4.18 -12.49
CA ASP A 138 32.45 -5.18 -12.50
C ASP A 138 32.81 -6.23 -13.54
N TYR A 139 32.77 -7.49 -13.12
CA TYR A 139 33.05 -8.67 -13.92
C TYR A 139 32.09 -9.76 -13.49
N VAL A 140 31.49 -10.46 -14.46
CA VAL A 140 30.57 -11.55 -14.16
C VAL A 140 31.24 -12.88 -14.52
N GLU A 141 31.67 -13.61 -13.50
CA GLU A 141 32.10 -14.99 -13.67
C GLU A 141 30.97 -15.81 -14.29
N PRO A 142 31.19 -16.47 -15.42
CA PRO A 142 30.13 -17.30 -16.01
C PRO A 142 29.78 -18.50 -15.13
N THR A 143 28.55 -18.97 -15.31
CA THR A 143 28.08 -20.17 -14.63
C THR A 143 28.77 -21.41 -15.18
N PRO A 144 28.51 -22.60 -14.59
CA PRO A 144 29.09 -23.83 -15.15
C PRO A 144 28.80 -24.10 -16.62
N ILE A 145 27.60 -23.79 -17.11
CA ILE A 145 27.28 -24.00 -18.52
C ILE A 145 27.64 -22.81 -19.40
N GLY A 146 28.08 -21.70 -18.84
CA GLY A 146 28.53 -20.58 -19.65
C GLY A 146 27.72 -19.30 -19.56
N THR A 147 26.59 -19.28 -18.86
CA THR A 147 25.73 -18.09 -18.86
C THR A 147 26.48 -16.89 -18.31
N THR A 148 26.24 -15.73 -18.91
CA THR A 148 26.91 -14.51 -18.50
C THR A 148 26.02 -13.34 -18.87
N TRP A 149 26.28 -12.16 -18.27
CA TRP A 149 25.38 -11.02 -18.46
C TRP A 149 26.14 -9.71 -18.26
N GLY A 150 25.41 -8.60 -18.34
CA GLY A 150 25.99 -7.27 -18.40
C GLY A 150 25.89 -6.49 -17.10
N LEU A 151 26.17 -5.19 -17.20
CA LEU A 151 26.34 -4.34 -16.03
C LEU A 151 25.03 -4.17 -15.27
N GLY A 152 25.11 -4.23 -13.94
CA GLY A 152 23.95 -4.01 -13.10
C GLY A 152 23.85 -4.85 -11.82
N GLY A 153 24.41 -6.04 -11.80
CA GLY A 153 24.34 -6.85 -10.61
C GLY A 153 23.29 -7.96 -10.71
N THR A 154 23.04 -8.58 -9.55
CA THR A 154 22.22 -9.78 -9.52
C THR A 154 20.74 -9.45 -9.72
N CYS A 155 20.26 -8.39 -9.08
CA CYS A 155 18.85 -8.00 -9.16
C CYS A 155 18.45 -7.69 -10.61
N VAL A 156 19.22 -6.81 -11.26
CA VAL A 156 18.93 -6.33 -12.61
C VAL A 156 18.91 -7.50 -13.60
N ASN A 157 19.90 -8.39 -13.53
CA ASN A 157 20.10 -9.38 -14.57
C ASN A 157 19.50 -10.74 -14.26
N VAL A 158 19.51 -11.16 -13.00
CA VAL A 158 19.13 -12.54 -12.67
C VAL A 158 18.41 -12.60 -11.34
N GLY A 159 17.78 -11.48 -10.95
CA GLY A 159 17.11 -11.41 -9.67
C GLY A 159 15.74 -10.75 -9.74
N CYS A 160 15.57 -9.66 -8.97
CA CYS A 160 14.25 -9.05 -8.77
C CYS A 160 13.56 -8.65 -10.08
N ILE A 161 14.34 -8.19 -11.06
CA ILE A 161 13.77 -7.64 -12.28
C ILE A 161 13.23 -8.79 -13.14
N PRO A 162 14.06 -9.73 -13.63
CA PRO A 162 13.46 -10.81 -14.44
C PRO A 162 12.46 -11.68 -13.68
N LYS A 163 12.55 -11.78 -12.36
CA LYS A 163 11.66 -12.73 -11.68
C LYS A 163 10.26 -12.16 -11.53
N LYS A 164 10.17 -10.84 -11.24
CA LYS A 164 8.86 -10.19 -11.17
C LYS A 164 8.19 -10.10 -12.54
N LEU A 165 8.96 -9.90 -13.61
CA LEU A 165 8.38 -9.93 -14.94
C LEU A 165 7.82 -11.31 -15.23
N MET A 166 8.55 -12.37 -14.84
CA MET A 166 8.07 -13.73 -15.07
C MET A 166 6.88 -14.05 -14.16
N HIS A 167 6.94 -13.63 -12.89
CA HIS A 167 5.78 -13.69 -12.01
C HIS A 167 4.56 -13.02 -12.67
N GLN A 168 4.76 -11.82 -13.20
CA GLN A 168 3.69 -11.07 -13.85
C GLN A 168 3.12 -11.82 -15.05
N ALA A 169 3.97 -12.47 -15.84
CA ALA A 169 3.44 -13.28 -16.93
C ALA A 169 2.50 -14.37 -16.39
N GLY A 170 2.90 -14.99 -15.27
CA GLY A 170 2.05 -16.01 -14.67
C GLY A 170 0.73 -15.45 -14.19
N LEU A 171 0.75 -14.31 -13.51
CA LEU A 171 -0.48 -13.70 -13.01
C LEU A 171 -1.43 -13.38 -14.15
N LEU A 172 -0.89 -13.04 -15.32
CA LEU A 172 -1.73 -12.73 -16.47
C LEU A 172 -2.67 -13.88 -16.82
N SER A 173 -2.28 -15.13 -16.48
CA SER A 173 -3.11 -16.30 -16.77
C SER A 173 -4.40 -16.27 -15.97
N HIS A 174 -4.40 -15.63 -14.79
CA HIS A 174 -5.62 -15.47 -13.99
C HIS A 174 -6.54 -14.42 -14.58
N ALA A 175 -5.97 -13.37 -15.17
CA ALA A 175 -6.80 -12.42 -15.91
C ALA A 175 -7.63 -13.14 -16.99
N LEU A 176 -7.00 -14.07 -17.74
CA LEU A 176 -7.73 -14.76 -18.80
C LEU A 176 -8.71 -15.80 -18.26
N GLU A 177 -8.43 -16.38 -17.08
CA GLU A 177 -9.44 -17.17 -16.39
C GLU A 177 -10.57 -16.28 -15.90
N ASP A 178 -10.24 -15.13 -15.32
CA ASP A 178 -11.24 -14.24 -14.74
C ASP A 178 -12.06 -13.52 -15.79
N ALA A 179 -11.59 -13.47 -17.03
CA ALA A 179 -12.21 -12.60 -18.02
C ALA A 179 -13.63 -13.05 -18.35
N GLU A 180 -13.87 -14.36 -18.44
CA GLU A 180 -15.18 -14.83 -18.86
C GLU A 180 -16.27 -14.43 -17.85
N HIS A 181 -15.93 -14.42 -16.56
CA HIS A 181 -16.90 -14.10 -15.54
C HIS A 181 -17.27 -12.62 -15.51
N PHE A 182 -16.41 -11.74 -16.01
CA PHE A 182 -16.73 -10.32 -16.09
C PHE A 182 -17.30 -9.94 -17.45
N GLY A 183 -17.55 -10.91 -18.35
CA GLY A 183 -18.25 -10.67 -19.60
C GLY A 183 -17.45 -10.77 -20.89
N TRP A 184 -16.12 -10.96 -20.84
CA TRP A 184 -15.33 -11.04 -22.06
C TRP A 184 -15.41 -12.44 -22.65
N SER A 185 -15.43 -12.51 -23.99
CA SER A 185 -15.88 -13.72 -24.67
C SER A 185 -14.85 -14.85 -24.67
N LEU A 186 -13.57 -14.52 -24.91
CA LEU A 186 -12.47 -15.47 -25.12
C LEU A 186 -12.62 -16.87 -24.53
N ASP A 187 -12.14 -17.87 -25.27
CA ASP A 187 -12.11 -19.25 -24.81
C ASP A 187 -10.74 -19.54 -24.21
N ARG A 188 -10.67 -19.59 -22.87
CA ARG A 188 -9.44 -19.84 -22.13
C ARG A 188 -8.70 -21.09 -22.63
N SER A 189 -9.41 -22.02 -23.27
CA SER A 189 -8.81 -23.32 -23.57
C SER A 189 -7.88 -23.26 -24.77
N LYS A 190 -8.22 -22.48 -25.80
CA LYS A 190 -7.39 -22.43 -27.00
C LYS A 190 -6.27 -21.38 -26.88
N ILE A 191 -5.73 -21.18 -25.68
CA ILE A 191 -4.68 -20.19 -25.45
C ILE A 191 -3.49 -20.87 -24.79
N SER A 192 -2.30 -20.61 -25.31
CA SER A 192 -1.08 -21.23 -24.83
C SER A 192 0.00 -20.17 -24.66
N HIS A 193 1.05 -20.52 -23.91
CA HIS A 193 2.15 -19.60 -23.61
C HIS A 193 3.42 -20.04 -24.34
N ASN A 194 4.18 -19.05 -24.85
CA ASN A 194 5.46 -19.23 -25.56
C ASN A 194 6.61 -18.70 -24.68
N TRP A 195 7.35 -19.63 -24.05
CA TRP A 195 8.47 -19.26 -23.20
C TRP A 195 9.48 -18.34 -23.90
N SER A 196 9.90 -18.68 -25.10
CA SER A 196 11.01 -17.92 -25.69
C SER A 196 10.57 -16.49 -26.05
N THR A 197 9.32 -16.32 -26.51
CA THR A 197 8.78 -14.98 -26.71
C THR A 197 8.88 -14.16 -25.42
N MET A 198 8.46 -14.75 -24.30
CA MET A 198 8.54 -14.07 -23.02
C MET A 198 9.98 -13.71 -22.66
N VAL A 199 10.92 -14.65 -22.81
CA VAL A 199 12.30 -14.39 -22.43
C VAL A 199 12.90 -13.29 -23.30
N GLU A 200 12.51 -13.23 -24.59
CA GLU A 200 13.01 -12.16 -25.43
C GLU A 200 12.59 -10.79 -24.89
N GLY A 201 11.33 -10.65 -24.47
CA GLY A 201 10.86 -9.41 -23.90
C GLY A 201 11.56 -9.04 -22.60
N VAL A 202 11.81 -10.04 -21.73
CA VAL A 202 12.51 -9.79 -20.49
C VAL A 202 13.93 -9.35 -20.78
N GLN A 203 14.61 -10.07 -21.67
CA GLN A 203 16.01 -9.78 -21.91
C GLN A 203 16.16 -8.42 -22.56
N SER A 204 15.15 -8.00 -23.32
CA SER A 204 15.22 -6.72 -23.98
C SER A 204 15.22 -5.58 -22.97
N HIS A 205 14.35 -5.68 -21.95
CA HIS A 205 14.35 -4.70 -20.87
C HIS A 205 15.65 -4.75 -20.07
N ILE A 206 16.17 -5.95 -19.76
CA ILE A 206 17.45 -6.06 -19.06
C ILE A 206 18.56 -5.39 -19.86
N GLY A 207 18.62 -5.65 -21.18
CA GLY A 207 19.61 -5.00 -22.02
C GLY A 207 19.52 -3.48 -21.97
N SER A 208 18.31 -2.94 -21.90
CA SER A 208 18.20 -1.49 -21.77
C SER A 208 18.60 -1.01 -20.38
N LEU A 209 18.63 -1.90 -19.40
CA LEU A 209 19.19 -1.52 -18.11
C LEU A 209 20.71 -1.58 -18.13
N ASN A 210 21.29 -2.63 -18.73
CA ASN A 210 22.74 -2.67 -18.89
C ASN A 210 23.25 -1.41 -19.56
N TRP A 211 22.55 -0.97 -20.62
CA TRP A 211 22.97 0.20 -21.37
C TRP A 211 22.82 1.47 -20.55
N GLY A 212 21.65 1.62 -19.89
CA GLY A 212 21.40 2.81 -19.10
C GLY A 212 22.46 3.07 -18.05
N TYR A 213 22.95 2.00 -17.40
CA TYR A 213 23.98 2.16 -16.37
C TYR A 213 25.35 2.56 -16.94
N LYS A 214 25.76 2.01 -18.09
CA LYS A 214 27.02 2.48 -18.68
C LYS A 214 26.93 3.96 -19.03
N VAL A 215 25.74 4.42 -19.45
CA VAL A 215 25.51 5.81 -19.83
C VAL A 215 25.52 6.71 -18.60
N ALA A 216 24.97 6.22 -17.48
CA ALA A 216 24.93 7.03 -16.27
C ALA A 216 26.33 7.22 -15.69
N LEU A 217 27.16 6.17 -15.73
CA LEU A 217 28.53 6.30 -15.26
C LEU A 217 29.32 7.25 -16.16
N ARG A 218 29.21 7.07 -17.48
CA ARG A 218 29.86 8.00 -18.41
C ARG A 218 29.48 9.45 -18.12
N ASP A 219 28.19 9.72 -17.93
CA ASP A 219 27.76 11.10 -17.72
C ASP A 219 28.19 11.65 -16.35
N ASN A 220 28.42 10.79 -15.37
CA ASN A 220 28.97 11.24 -14.10
C ASN A 220 30.50 11.16 -14.04
N GLN A 221 31.17 10.91 -15.17
CA GLN A 221 32.64 10.88 -15.23
C GLN A 221 33.20 9.82 -14.28
N VAL A 222 32.46 8.73 -14.11
CA VAL A 222 32.92 7.56 -13.39
C VAL A 222 33.65 6.67 -14.37
N THR A 223 34.81 6.14 -13.98
CA THR A 223 35.50 5.19 -14.84
C THR A 223 34.92 3.79 -14.65
N TYR A 224 34.56 3.13 -15.74
CA TYR A 224 34.01 1.78 -15.68
C TYR A 224 35.00 0.82 -16.33
N LEU A 225 35.52 -0.11 -15.54
CA LEU A 225 36.44 -1.12 -16.03
C LEU A 225 35.77 -2.47 -15.88
N ASN A 226 35.50 -3.13 -17.02
CA ASN A 226 34.97 -4.49 -17.01
C ASN A 226 36.12 -5.46 -16.71
N ALA A 227 36.52 -5.50 -15.44
CA ALA A 227 37.65 -6.31 -15.01
C ALA A 227 37.36 -6.87 -13.62
N LYS A 228 38.01 -8.00 -13.28
CA LYS A 228 37.90 -8.59 -11.96
C LYS A 228 38.92 -7.96 -11.02
N GLY A 229 38.47 -7.55 -9.84
CA GLY A 229 39.31 -6.84 -8.88
C GLY A 229 39.69 -7.72 -7.72
N ARG A 230 40.96 -7.62 -7.30
CA ARG A 230 41.49 -8.27 -6.11
C ARG A 230 42.25 -7.23 -5.28
N LEU A 231 41.93 -7.14 -3.99
CA LEU A 231 42.57 -6.19 -3.08
C LEU A 231 43.81 -6.84 -2.48
N ILE A 232 44.99 -6.28 -2.79
CA ILE A 232 46.25 -6.90 -2.37
C ILE A 232 46.88 -6.12 -1.21
N SER A 233 46.60 -4.83 -1.11
CA SER A 233 47.00 -4.05 0.06
C SER A 233 45.89 -3.04 0.33
N PRO A 234 45.92 -2.29 1.44
CA PRO A 234 44.80 -1.39 1.75
C PRO A 234 44.46 -0.39 0.66
N HIS A 235 45.42 0.05 -0.15
CA HIS A 235 45.15 1.02 -1.19
C HIS A 235 45.45 0.49 -2.59
N GLU A 236 45.73 -0.80 -2.74
CA GLU A 236 46.11 -1.36 -4.02
C GLU A 236 45.10 -2.41 -4.45
N VAL A 237 44.48 -2.19 -5.61
CA VAL A 237 43.55 -3.13 -6.21
C VAL A 237 44.18 -3.66 -7.50
N GLN A 238 44.34 -4.98 -7.57
CA GLN A 238 44.87 -5.62 -8.76
C GLN A 238 43.72 -5.99 -9.69
N ILE A 239 43.80 -5.55 -10.96
CA ILE A 239 42.72 -5.75 -11.92
C ILE A 239 43.21 -6.69 -13.02
N THR A 240 42.32 -7.58 -13.47
CA THR A 240 42.63 -8.52 -14.53
C THR A 240 41.64 -8.36 -15.67
N ASP A 241 42.20 -8.27 -16.88
CA ASP A 241 41.50 -7.94 -18.12
C ASP A 241 40.64 -9.09 -18.64
N LYS A 242 39.70 -8.74 -19.52
CA LYS A 242 39.12 -9.72 -20.43
C LYS A 242 40.15 -10.23 -21.42
N ASN A 243 41.34 -9.62 -21.46
CA ASN A 243 42.48 -10.11 -22.21
C ASN A 243 43.54 -10.70 -21.29
N GLN A 244 43.21 -10.89 -20.01
CA GLN A 244 44.10 -11.41 -18.98
C GLN A 244 45.24 -10.47 -18.63
N LYS A 245 45.24 -9.24 -19.17
CA LYS A 245 46.27 -8.29 -18.78
C LYS A 245 46.09 -7.91 -17.32
N VAL A 246 47.17 -8.01 -16.55
CA VAL A 246 47.15 -7.69 -15.13
C VAL A 246 47.82 -6.35 -14.91
N SER A 247 47.21 -5.53 -14.05
CA SER A 247 47.79 -4.25 -13.64
C SER A 247 47.24 -3.88 -12.27
N THR A 248 47.82 -2.82 -11.69
CA THR A 248 47.52 -2.40 -10.33
C THR A 248 47.11 -0.93 -10.34
N ILE A 249 45.98 -0.63 -9.72
CA ILE A 249 45.49 0.74 -9.57
C ILE A 249 45.27 0.98 -8.09
N THR A 250 45.32 2.25 -7.69
CA THR A 250 45.30 2.63 -6.29
C THR A 250 44.16 3.59 -6.03
N GLY A 251 43.67 3.59 -4.81
CA GLY A 251 42.66 4.54 -4.39
C GLY A 251 42.77 4.83 -2.91
N ASN A 252 42.38 6.04 -2.53
CA ASN A 252 42.18 6.41 -1.14
C ASN A 252 41.20 5.47 -0.44
N LYS A 253 39.93 5.54 -0.79
CA LYS A 253 38.89 4.72 -0.15
C LYS A 253 38.49 3.56 -1.04
N ILE A 254 38.26 2.41 -0.43
CA ILE A 254 37.84 1.18 -1.12
C ILE A 254 36.49 0.76 -0.57
N ILE A 255 35.51 0.55 -1.46
CA ILE A 255 34.20 -0.03 -1.10
C ILE A 255 34.09 -1.40 -1.79
N LEU A 256 34.04 -2.47 -0.98
CA LEU A 256 33.79 -3.82 -1.47
C LEU A 256 32.27 -4.05 -1.58
N ALA A 257 31.81 -4.45 -2.77
CA ALA A 257 30.38 -4.64 -3.03
C ALA A 257 30.20 -5.73 -4.08
N THR A 258 30.70 -6.92 -3.78
CA THR A 258 30.86 -7.99 -4.77
C THR A 258 29.73 -9.02 -4.75
N GLY A 259 28.81 -8.94 -3.79
CA GLY A 259 27.63 -9.80 -3.74
C GLY A 259 27.95 -11.27 -3.58
N GLU A 260 27.05 -12.11 -4.10
CA GLU A 260 27.10 -13.55 -3.89
C GLU A 260 26.70 -14.26 -5.18
N ARG A 261 26.81 -15.58 -5.16
CA ARG A 261 26.39 -16.42 -6.27
C ARG A 261 25.70 -17.66 -5.71
N PRO A 262 24.87 -18.33 -6.51
CA PRO A 262 24.17 -19.53 -6.03
C PRO A 262 25.14 -20.63 -5.59
N LYS A 263 24.74 -21.36 -4.54
CA LYS A 263 25.39 -22.59 -4.05
C LYS A 263 24.90 -23.81 -4.82
N TYR A 264 25.71 -24.87 -4.79
CA TYR A 264 25.31 -26.19 -5.31
C TYR A 264 25.51 -27.26 -4.25
N PRO A 265 24.58 -28.20 -4.12
CA PRO A 265 24.85 -29.35 -3.25
C PRO A 265 25.99 -30.19 -3.79
N GLU A 266 26.76 -30.77 -2.88
CA GLU A 266 27.88 -31.64 -3.23
C GLU A 266 27.36 -33.07 -3.47
N ILE A 267 26.66 -33.22 -4.58
CA ILE A 267 26.20 -34.54 -4.99
C ILE A 267 26.65 -34.76 -6.43
N PRO A 268 26.82 -36.02 -6.83
CA PRO A 268 27.22 -36.30 -8.21
C PRO A 268 26.18 -35.81 -9.21
N GLY A 269 26.65 -35.13 -10.26
CA GLY A 269 25.77 -34.69 -11.32
C GLY A 269 25.10 -33.34 -11.14
N ALA A 270 25.27 -32.68 -9.97
CA ALA A 270 24.59 -31.41 -9.71
C ALA A 270 25.15 -30.28 -10.57
N VAL A 271 26.47 -30.15 -10.64
CA VAL A 271 27.07 -29.09 -11.46
C VAL A 271 26.99 -29.41 -12.95
N GLU A 272 27.16 -30.70 -13.32
CA GLU A 272 27.17 -31.09 -14.73
C GLU A 272 25.78 -30.92 -15.38
N TYR A 273 24.71 -31.34 -14.70
CA TYR A 273 23.41 -31.43 -15.37
C TYR A 273 22.31 -30.56 -14.77
N GLY A 274 22.46 -30.06 -13.54
CA GLY A 274 21.51 -29.10 -13.00
C GLY A 274 21.84 -27.67 -13.42
N ILE A 275 20.88 -26.76 -13.20
CA ILE A 275 21.08 -25.32 -13.39
C ILE A 275 20.65 -24.58 -12.11
N THR A 276 20.83 -23.26 -12.12
CA THR A 276 20.34 -22.40 -11.04
C THR A 276 19.59 -21.21 -11.63
N SER A 277 19.15 -20.32 -10.75
CA SER A 277 18.45 -19.13 -11.19
C SER A 277 19.32 -18.26 -12.10
N ASP A 278 20.66 -18.30 -11.93
CA ASP A 278 21.53 -17.52 -12.81
C ASP A 278 21.30 -17.85 -14.28
N ASP A 279 20.95 -19.11 -14.59
CA ASP A 279 20.70 -19.55 -15.96
C ASP A 279 19.23 -19.48 -16.36
N LEU A 280 18.30 -19.46 -15.37
CA LEU A 280 16.88 -19.65 -15.68
C LEU A 280 16.34 -18.51 -16.52
N PHE A 281 16.68 -17.28 -16.16
CA PHE A 281 16.05 -16.10 -16.75
C PHE A 281 16.46 -15.85 -18.19
N SER A 282 17.51 -16.51 -18.70
CA SER A 282 17.88 -16.40 -20.10
C SER A 282 17.92 -17.76 -20.80
N LEU A 283 17.27 -18.78 -20.26
CA LEU A 283 17.27 -20.10 -20.90
C LEU A 283 16.59 -20.04 -22.28
N PRO A 284 17.24 -20.51 -23.34
CA PRO A 284 16.64 -20.45 -24.68
C PRO A 284 15.50 -21.44 -24.93
N TYR A 285 15.37 -22.51 -24.16
CA TYR A 285 14.25 -23.45 -24.27
C TYR A 285 13.43 -23.43 -22.98
N PHE A 286 12.18 -23.83 -23.09
CA PHE A 286 11.33 -23.93 -21.91
C PHE A 286 11.85 -25.05 -21.00
N PRO A 287 11.99 -24.82 -19.70
CA PRO A 287 12.45 -25.89 -18.79
C PRO A 287 11.74 -27.24 -18.92
N GLY A 288 10.47 -27.27 -19.34
CA GLY A 288 9.68 -28.51 -19.37
C GLY A 288 9.32 -29.00 -17.97
N LYS A 289 9.24 -30.31 -17.81
CA LYS A 289 9.04 -30.89 -16.49
C LYS A 289 10.23 -30.62 -15.59
N THR A 290 9.99 -29.95 -14.46
CA THR A 290 11.02 -29.33 -13.66
C THR A 290 10.94 -29.80 -12.21
N LEU A 291 12.11 -30.07 -11.63
CA LEU A 291 12.27 -30.22 -10.21
C LEU A 291 13.07 -29.03 -9.69
N VAL A 292 12.50 -28.31 -8.73
CA VAL A 292 13.21 -27.27 -7.99
C VAL A 292 13.60 -27.87 -6.65
N ILE A 293 14.89 -27.83 -6.34
CA ILE A 293 15.41 -28.36 -5.07
C ILE A 293 15.69 -27.16 -4.19
N GLY A 294 14.89 -27.01 -3.15
CA GLY A 294 15.10 -25.93 -2.19
C GLY A 294 13.79 -25.47 -1.61
N ALA A 295 13.89 -24.55 -0.65
CA ALA A 295 12.69 -24.09 0.05
C ALA A 295 12.69 -22.59 0.32
N SER A 296 13.60 -21.83 -0.28
CA SER A 296 13.77 -20.41 -0.06
C SER A 296 12.79 -19.63 -0.93
N TYR A 297 12.82 -18.31 -0.80
CA TYR A 297 11.92 -17.51 -1.63
C TYR A 297 12.25 -17.70 -3.11
N VAL A 298 13.54 -17.79 -3.45
CA VAL A 298 13.95 -18.01 -4.85
C VAL A 298 13.27 -19.25 -5.41
N ALA A 299 13.46 -20.40 -4.74
CA ALA A 299 12.83 -21.66 -5.09
C ALA A 299 11.31 -21.54 -5.26
N LEU A 300 10.62 -20.97 -4.27
CA LEU A 300 9.16 -20.93 -4.31
C LEU A 300 8.63 -19.94 -5.36
N GLU A 301 9.31 -18.81 -5.55
CA GLU A 301 8.85 -17.85 -6.56
C GLU A 301 9.02 -18.42 -7.96
N CYS A 302 10.12 -19.15 -8.19
CA CYS A 302 10.38 -19.73 -9.50
C CYS A 302 9.45 -20.91 -9.80
N ALA A 303 9.30 -21.83 -8.82
CA ALA A 303 8.31 -22.89 -9.00
C ALA A 303 6.94 -22.28 -9.26
N GLY A 304 6.60 -21.22 -8.56
CA GLY A 304 5.36 -20.50 -8.76
C GLY A 304 5.08 -20.05 -10.19
N PHE A 305 5.96 -19.24 -10.80
CA PHE A 305 5.60 -18.74 -12.12
C PHE A 305 5.72 -19.83 -13.18
N LEU A 306 6.62 -20.79 -12.99
CA LEU A 306 6.69 -21.90 -13.93
C LEU A 306 5.36 -22.65 -13.99
N ALA A 307 4.71 -22.81 -12.84
CA ALA A 307 3.42 -23.50 -12.80
C ALA A 307 2.33 -22.72 -13.54
N SER A 308 2.26 -21.40 -13.29
CA SER A 308 1.26 -20.56 -13.92
C SER A 308 1.45 -20.50 -15.43
N LEU A 309 2.66 -20.77 -15.92
CA LEU A 309 2.95 -20.80 -17.34
C LEU A 309 2.77 -22.19 -17.96
N GLY A 310 2.13 -23.10 -17.23
CA GLY A 310 1.76 -24.40 -17.76
C GLY A 310 2.75 -25.51 -17.50
N GLY A 311 3.80 -25.27 -16.72
CA GLY A 311 4.78 -26.30 -16.49
C GLY A 311 4.39 -27.28 -15.39
N ASP A 312 5.01 -28.45 -15.46
CA ASP A 312 4.85 -29.55 -14.51
C ASP A 312 5.98 -29.44 -13.50
N VAL A 313 5.67 -28.92 -12.31
CA VAL A 313 6.67 -28.42 -11.38
C VAL A 313 6.58 -29.20 -10.06
N THR A 314 7.71 -29.63 -9.55
CA THR A 314 7.81 -30.22 -8.22
C THR A 314 8.89 -29.50 -7.42
N VAL A 315 8.59 -29.20 -6.14
CA VAL A 315 9.57 -28.66 -5.20
C VAL A 315 9.97 -29.75 -4.21
N MET A 316 11.28 -29.89 -3.96
CA MET A 316 11.84 -30.90 -3.05
C MET A 316 12.37 -30.21 -1.81
N VAL A 317 11.70 -30.43 -0.68
CA VAL A 317 11.89 -29.68 0.56
C VAL A 317 12.59 -30.57 1.59
N ARG A 318 13.77 -30.13 2.07
CA ARG A 318 14.47 -30.83 3.14
C ARG A 318 13.67 -30.83 4.44
N SER A 319 13.31 -29.64 4.95
CA SER A 319 12.56 -29.53 6.20
C SER A 319 11.33 -28.64 6.06
N ILE A 320 11.48 -27.32 6.22
CA ILE A 320 10.36 -26.38 6.18
C ILE A 320 10.50 -25.40 5.01
N LEU A 321 9.41 -24.70 4.73
CA LEU A 321 9.41 -23.60 3.78
C LEU A 321 9.89 -22.31 4.45
N LEU A 322 10.65 -21.51 3.70
CA LEU A 322 10.95 -20.11 4.07
C LEU A 322 11.45 -19.99 5.50
N ARG A 323 12.46 -20.80 5.83
CA ARG A 323 13.09 -20.67 7.13
C ARG A 323 13.49 -19.23 7.41
N GLY A 324 13.17 -18.76 8.62
CA GLY A 324 13.42 -17.38 9.00
C GLY A 324 12.22 -16.46 8.85
N PHE A 325 11.23 -16.84 8.06
CA PHE A 325 9.98 -16.10 7.98
C PHE A 325 8.97 -16.72 8.95
N ASP A 326 7.99 -15.90 9.36
CA ASP A 326 6.87 -16.37 10.16
C ASP A 326 6.30 -17.66 9.57
N GLN A 327 6.25 -18.72 10.38
CA GLN A 327 6.01 -20.05 9.81
C GLN A 327 4.54 -20.30 9.48
N GLN A 328 3.61 -19.72 10.24
CA GLN A 328 2.21 -19.81 9.85
C GLN A 328 2.00 -19.18 8.48
N MET A 329 2.64 -18.03 8.24
CA MET A 329 2.53 -17.39 6.94
C MET A 329 3.16 -18.25 5.84
N ALA A 330 4.31 -18.89 6.13
CA ALA A 330 4.94 -19.74 5.13
C ALA A 330 4.07 -20.94 4.77
N GLU A 331 3.38 -21.53 5.76
CA GLU A 331 2.58 -22.70 5.45
C GLU A 331 1.33 -22.31 4.64
N LYS A 332 0.76 -21.13 4.90
CA LYS A 332 -0.33 -20.64 4.07
C LYS A 332 0.13 -20.38 2.63
N VAL A 333 1.41 -20.03 2.45
CA VAL A 333 1.95 -19.79 1.12
C VAL A 333 2.06 -21.09 0.36
N GLY A 334 2.66 -22.10 1.01
CA GLY A 334 2.84 -23.39 0.37
C GLY A 334 1.53 -24.10 0.12
N ASP A 335 0.60 -24.02 1.08
CA ASP A 335 -0.72 -24.63 0.89
C ASP A 335 -1.40 -24.09 -0.37
N TYR A 336 -1.35 -22.76 -0.54
CA TYR A 336 -1.93 -22.15 -1.72
C TYR A 336 -1.27 -22.69 -3.00
N MET A 337 0.06 -22.71 -3.04
CA MET A 337 0.72 -23.21 -4.25
C MET A 337 0.31 -24.65 -4.53
N GLU A 338 0.19 -25.47 -3.47
CA GLU A 338 -0.15 -26.88 -3.68
C GLU A 338 -1.59 -27.03 -4.17
N ASN A 339 -2.50 -26.16 -3.71
CA ASN A 339 -3.86 -26.20 -4.22
C ASN A 339 -3.97 -25.66 -5.64
N HIS A 340 -2.91 -25.05 -6.18
CA HIS A 340 -2.96 -24.49 -7.52
C HIS A 340 -1.82 -24.98 -8.38
N GLY A 341 -1.53 -26.28 -8.32
CA GLY A 341 -0.78 -26.96 -9.36
C GLY A 341 0.71 -27.15 -9.15
N VAL A 342 1.24 -26.92 -7.95
CA VAL A 342 2.63 -27.22 -7.63
C VAL A 342 2.67 -28.48 -6.78
N LYS A 343 3.47 -29.45 -7.18
CA LYS A 343 3.64 -30.67 -6.39
C LYS A 343 4.82 -30.49 -5.45
N PHE A 344 4.71 -31.09 -4.26
CA PHE A 344 5.74 -30.97 -3.23
C PHE A 344 6.20 -32.35 -2.81
N ALA A 345 7.52 -32.54 -2.72
CA ALA A 345 8.13 -33.77 -2.19
C ALA A 345 8.74 -33.42 -0.83
N LYS A 346 8.03 -33.78 0.22
CA LYS A 346 8.26 -33.24 1.55
C LYS A 346 9.28 -34.06 2.33
N LEU A 347 10.14 -33.37 3.06
CA LEU A 347 11.13 -33.99 3.93
C LEU A 347 12.08 -34.86 3.11
N CYS A 348 12.54 -34.30 1.99
CA CYS A 348 13.28 -35.08 1.00
C CYS A 348 14.54 -34.34 0.55
N VAL A 349 15.58 -35.08 0.23
CA VAL A 349 16.85 -34.51 -0.21
C VAL A 349 17.42 -35.33 -1.35
N PRO A 350 18.12 -34.68 -2.27
CA PRO A 350 18.61 -35.39 -3.45
C PRO A 350 19.99 -36.02 -3.23
N ASP A 351 20.19 -37.19 -3.83
CA ASP A 351 21.47 -37.89 -3.68
C ASP A 351 22.33 -37.89 -4.93
N GLU A 352 21.72 -37.90 -6.13
CA GLU A 352 22.51 -37.74 -7.35
C GLU A 352 21.59 -37.48 -8.55
N ILE A 353 22.18 -36.81 -9.55
CA ILE A 353 21.53 -36.54 -10.83
C ILE A 353 22.25 -37.37 -11.90
N LYS A 354 21.48 -38.16 -12.65
CA LYS A 354 21.99 -38.91 -13.79
C LYS A 354 21.42 -38.35 -15.08
N GLN A 355 22.23 -38.34 -16.14
CA GLN A 355 21.85 -37.79 -17.43
C GLN A 355 21.35 -38.89 -18.37
N LEU A 356 20.13 -38.73 -18.87
CA LEU A 356 19.53 -39.61 -19.86
C LEU A 356 19.47 -39.00 -21.25
N LYS A 357 19.50 -37.68 -21.36
CA LYS A 357 19.52 -36.98 -22.64
C LYS A 357 20.36 -35.72 -22.50
N VAL A 358 21.28 -35.52 -23.44
CA VAL A 358 21.96 -34.24 -23.54
C VAL A 358 20.98 -33.19 -24.06
N VAL A 359 21.16 -31.94 -23.58
CA VAL A 359 20.36 -30.84 -24.09
C VAL A 359 20.53 -30.72 -25.61
N ASP A 360 19.40 -30.51 -26.30
CA ASP A 360 19.31 -30.43 -27.75
C ASP A 360 19.38 -28.96 -28.17
N THR A 361 20.60 -28.49 -28.45
CA THR A 361 20.78 -27.13 -28.98
C THR A 361 20.07 -26.95 -30.33
N GLU A 362 20.18 -27.95 -31.19
CA GLU A 362 19.61 -27.93 -32.53
C GLU A 362 18.13 -27.62 -32.45
N ASN A 363 17.33 -28.61 -32.05
CA ASN A 363 15.88 -28.46 -31.98
C ASN A 363 15.42 -27.56 -30.83
N ASN A 364 16.32 -26.99 -30.02
CA ASN A 364 16.00 -26.07 -28.92
C ASN A 364 15.07 -26.71 -27.88
N LYS A 365 15.54 -27.80 -27.28
CA LYS A 365 14.78 -28.55 -26.31
C LYS A 365 15.67 -28.89 -25.13
N PRO A 366 15.10 -29.12 -23.95
CA PRO A 366 15.93 -29.54 -22.80
C PRO A 366 16.34 -30.99 -22.92
N GLY A 367 17.26 -31.41 -22.04
CA GLY A 367 17.66 -32.80 -21.93
C GLY A 367 16.66 -33.67 -21.17
N LEU A 368 17.16 -34.75 -20.56
CA LEU A 368 16.33 -35.56 -19.68
C LEU A 368 17.21 -36.09 -18.55
N LEU A 369 16.64 -36.19 -17.35
CA LEU A 369 17.43 -36.46 -16.15
C LEU A 369 16.70 -37.43 -15.23
N LEU A 370 17.48 -38.25 -14.52
CA LEU A 370 16.98 -39.12 -13.45
C LEU A 370 17.53 -38.59 -12.13
N VAL A 371 16.63 -38.34 -11.16
CA VAL A 371 17.01 -37.85 -9.84
C VAL A 371 16.72 -38.94 -8.81
N LYS A 372 17.74 -39.27 -8.01
CA LYS A 372 17.61 -40.19 -6.88
C LYS A 372 17.80 -39.43 -5.58
N GLY A 373 16.92 -39.72 -4.61
CA GLY A 373 16.97 -39.10 -3.29
C GLY A 373 16.39 -39.98 -2.19
N HIS A 374 16.15 -39.42 -0.99
CA HIS A 374 15.49 -40.17 0.07
C HIS A 374 14.76 -39.24 1.04
N TYR A 375 13.67 -39.75 1.60
CA TYR A 375 12.91 -39.07 2.63
C TYR A 375 13.59 -39.25 3.99
N THR A 376 13.21 -38.40 4.95
CA THR A 376 13.92 -38.41 6.22
C THR A 376 13.74 -39.71 7.00
N ASP A 377 12.84 -40.59 6.56
CA ASP A 377 12.63 -41.87 7.20
C ASP A 377 13.25 -43.02 6.44
N GLY A 378 14.04 -42.73 5.40
CA GLY A 378 14.81 -43.72 4.69
C GLY A 378 14.23 -44.18 3.36
N LYS A 379 12.92 -44.02 3.14
CA LYS A 379 12.31 -44.42 1.89
C LYS A 379 12.98 -43.72 0.71
N LYS A 380 12.92 -44.33 -0.46
CA LYS A 380 13.67 -43.84 -1.62
C LYS A 380 12.84 -42.90 -2.49
N PHE A 381 13.53 -41.95 -3.11
CA PHE A 381 12.96 -41.07 -4.12
C PHE A 381 13.61 -41.36 -5.47
N GLU A 382 12.80 -41.49 -6.52
CA GLU A 382 13.37 -41.69 -7.85
C GLU A 382 12.37 -41.24 -8.90
N GLU A 383 12.77 -40.30 -9.76
CA GLU A 383 11.86 -39.74 -10.76
C GLU A 383 12.66 -39.05 -11.85
N GLU A 384 12.04 -38.94 -13.04
CA GLU A 384 12.60 -38.25 -14.20
C GLU A 384 12.06 -36.82 -14.33
N PHE A 385 12.96 -35.90 -14.68
CA PHE A 385 12.65 -34.50 -15.00
C PHE A 385 13.49 -34.05 -16.18
N GLU A 386 13.00 -33.04 -16.90
CA GLU A 386 13.78 -32.47 -18.00
C GLU A 386 14.76 -31.42 -17.51
N THR A 387 14.44 -30.72 -16.42
CA THR A 387 15.25 -29.68 -15.82
C THR A 387 15.24 -29.79 -14.28
N VAL A 388 16.40 -29.63 -13.67
CA VAL A 388 16.53 -29.62 -12.21
C VAL A 388 17.20 -28.31 -11.83
N ILE A 389 16.49 -27.51 -11.05
CA ILE A 389 16.95 -26.19 -10.63
C ILE A 389 17.34 -26.26 -9.17
N PHE A 390 18.59 -25.93 -8.86
CA PHE A 390 19.02 -25.85 -7.48
C PHE A 390 18.81 -24.44 -6.95
N ALA A 391 18.11 -24.35 -5.82
CA ALA A 391 17.93 -23.11 -5.09
C ALA A 391 18.16 -23.43 -3.62
N VAL A 392 19.43 -23.67 -3.26
CA VAL A 392 19.79 -24.15 -1.91
C VAL A 392 20.68 -23.16 -1.19
N GLY A 393 20.51 -21.86 -1.47
CA GLY A 393 21.25 -20.82 -0.79
C GLY A 393 22.17 -20.06 -1.72
N ARG A 394 22.85 -19.06 -1.15
CA ARG A 394 23.80 -18.19 -1.83
C ARG A 394 24.96 -17.88 -0.89
N GLU A 395 26.15 -17.62 -1.46
CA GLU A 395 27.35 -17.40 -0.65
C GLU A 395 28.32 -16.46 -1.35
N PRO A 396 29.10 -15.69 -0.60
CA PRO A 396 30.13 -14.86 -1.22
C PRO A 396 31.40 -15.68 -1.44
N GLN A 397 32.29 -15.13 -2.25
CA GLN A 397 33.54 -15.81 -2.56
C GLN A 397 34.69 -14.85 -2.32
N LEU A 398 34.82 -14.38 -1.07
CA LEU A 398 35.77 -13.32 -0.80
C LEU A 398 37.22 -13.78 -0.89
N SER A 399 37.47 -15.08 -0.97
CA SER A 399 38.80 -15.57 -1.35
C SER A 399 39.24 -14.98 -2.70
N LYS A 400 38.31 -14.83 -3.65
CA LYS A 400 38.67 -14.30 -4.96
C LYS A 400 38.81 -12.78 -4.98
N VAL A 401 38.48 -12.09 -3.88
CA VAL A 401 38.54 -10.63 -3.84
C VAL A 401 39.55 -10.11 -2.83
N LEU A 402 39.90 -10.86 -1.80
CA LEU A 402 40.51 -10.32 -0.59
C LEU A 402 41.73 -11.16 -0.21
N CYS A 403 42.93 -10.64 -0.46
CA CYS A 403 44.12 -11.32 0.01
C CYS A 403 44.13 -11.37 1.52
N GLU A 404 44.58 -12.51 2.06
CA GLU A 404 44.65 -12.73 3.50
C GLU A 404 45.40 -11.61 4.21
N THR A 405 46.52 -11.21 3.64
CA THR A 405 47.46 -10.31 4.30
C THR A 405 46.96 -8.89 4.44
N VAL A 406 45.75 -8.59 3.97
CA VAL A 406 45.30 -7.21 3.98
C VAL A 406 44.73 -6.82 5.34
N GLY A 407 44.09 -7.74 6.03
CA GLY A 407 43.55 -7.45 7.35
C GLY A 407 42.05 -7.31 7.45
N VAL A 408 41.30 -7.68 6.41
CA VAL A 408 39.85 -7.49 6.46
C VAL A 408 39.24 -8.69 7.16
N LYS A 409 38.68 -8.47 8.34
CA LYS A 409 38.10 -9.55 9.14
C LYS A 409 36.82 -10.07 8.50
N LEU A 410 36.64 -11.40 8.55
CA LEU A 410 35.44 -12.08 8.06
C LEU A 410 34.80 -12.88 9.17
N ASP A 411 33.46 -12.90 9.19
CA ASP A 411 32.73 -13.79 10.09
C ASP A 411 32.76 -15.22 9.52
N LYS A 412 32.18 -16.16 10.27
CA LYS A 412 32.29 -17.58 9.95
C LYS A 412 31.52 -17.98 8.68
N ASN A 413 30.79 -17.06 8.03
CA ASN A 413 30.11 -17.34 6.78
C ASN A 413 30.84 -16.83 5.56
N GLY A 414 31.98 -16.16 5.73
CA GLY A 414 32.61 -15.47 4.63
C GLY A 414 32.15 -14.05 4.44
N ARG A 415 31.25 -13.56 5.28
CA ARG A 415 30.80 -12.19 5.15
C ARG A 415 31.70 -11.27 5.96
N VAL A 416 31.63 -9.97 5.67
CA VAL A 416 32.58 -8.98 6.21
C VAL A 416 32.00 -8.33 7.46
N VAL A 417 32.81 -8.28 8.53
CA VAL A 417 32.38 -7.68 9.79
C VAL A 417 32.63 -6.18 9.77
N CYS A 418 31.56 -5.40 9.97
CA CYS A 418 31.54 -3.95 9.77
C CYS A 418 30.88 -3.23 10.94
N THR A 419 31.40 -2.06 11.29
CA THR A 419 30.72 -1.19 12.24
C THR A 419 29.44 -0.62 11.63
N ASP A 420 28.66 0.07 12.48
CA ASP A 420 27.40 0.65 12.04
C ASP A 420 27.58 1.77 11.01
N ASP A 421 28.81 2.06 10.56
CA ASP A 421 29.00 2.97 9.44
C ASP A 421 29.68 2.27 8.27
N GLU A 422 29.55 0.95 8.19
CA GLU A 422 30.02 0.09 7.10
C GLU A 422 31.55 -0.01 7.02
N GLN A 423 32.28 0.42 8.06
CA GLN A 423 33.75 0.37 8.02
C GLN A 423 34.26 -1.02 8.45
N THR A 424 35.30 -1.49 7.77
CA THR A 424 35.85 -2.80 8.07
C THR A 424 36.99 -2.69 9.10
N THR A 425 37.70 -3.79 9.34
CA THR A 425 38.81 -3.75 10.26
C THR A 425 40.02 -2.97 9.71
N VAL A 426 39.95 -2.52 8.45
CA VAL A 426 40.98 -1.70 7.81
C VAL A 426 40.38 -0.32 7.56
N SER A 427 41.00 0.72 8.11
CA SER A 427 40.31 1.99 8.35
C SER A 427 39.80 2.68 7.08
N ASN A 428 40.36 2.38 5.92
CA ASN A 428 39.93 3.02 4.67
C ASN A 428 39.14 2.08 3.77
N VAL A 429 38.79 0.87 4.22
CA VAL A 429 38.05 -0.09 3.40
C VAL A 429 36.64 -0.27 4.00
N TYR A 430 35.62 -0.21 3.15
CA TYR A 430 34.23 -0.33 3.57
C TYR A 430 33.56 -1.45 2.79
N ALA A 431 32.41 -1.89 3.26
CA ALA A 431 31.70 -2.99 2.61
C ALA A 431 30.21 -2.76 2.73
N ILE A 432 29.46 -2.94 1.63
CA ILE A 432 28.02 -2.66 1.57
C ILE A 432 27.32 -3.81 0.86
N GLY A 433 26.02 -3.93 1.11
CA GLY A 433 25.21 -4.87 0.36
C GLY A 433 25.29 -6.28 0.92
N ASP A 434 25.10 -7.27 0.04
CA ASP A 434 24.93 -8.66 0.49
C ASP A 434 26.08 -9.15 1.36
N ILE A 435 27.32 -8.73 1.09
CA ILE A 435 28.47 -9.23 1.84
C ILE A 435 28.66 -8.57 3.20
N ASN A 436 27.86 -7.57 3.55
CA ASN A 436 27.97 -6.94 4.86
C ASN A 436 27.31 -7.87 5.88
N ALA A 437 28.10 -8.41 6.81
CA ALA A 437 27.60 -9.47 7.67
C ALA A 437 26.41 -9.00 8.51
N GLY A 438 25.45 -9.90 8.70
CA GLY A 438 24.33 -9.67 9.58
C GLY A 438 23.25 -8.74 9.07
N LYS A 439 23.30 -8.29 7.77
CA LYS A 439 22.38 -7.30 7.23
C LYS A 439 21.35 -7.96 6.32
N PRO A 440 20.12 -7.43 6.25
CA PRO A 440 19.14 -7.98 5.30
C PRO A 440 19.65 -7.80 3.87
N GLN A 441 19.63 -8.90 3.12
CA GLN A 441 20.25 -8.98 1.80
C GLN A 441 19.24 -8.55 0.75
N LEU A 442 19.08 -7.24 0.58
CA LEU A 442 18.01 -6.68 -0.25
C LEU A 442 18.55 -5.52 -1.08
N THR A 443 17.99 -5.35 -2.27
CA THR A 443 18.46 -4.27 -3.15
C THR A 443 18.20 -2.88 -2.59
N PRO A 444 17.00 -2.54 -2.10
CA PRO A 444 16.84 -1.19 -1.54
C PRO A 444 17.79 -0.90 -0.40
N VAL A 445 18.11 -1.92 0.41
CA VAL A 445 19.09 -1.79 1.49
C VAL A 445 20.47 -1.49 0.93
N ALA A 446 20.92 -2.30 -0.03
CA ALA A 446 22.26 -2.11 -0.58
C ALA A 446 22.40 -0.72 -1.20
N ILE A 447 21.33 -0.22 -1.83
CA ILE A 447 21.37 1.09 -2.48
C ILE A 447 21.45 2.20 -1.44
N GLN A 448 20.58 2.15 -0.42
CA GLN A 448 20.56 3.19 0.60
C GLN A 448 21.89 3.25 1.32
N ALA A 449 22.48 2.09 1.59
CA ALA A 449 23.75 2.07 2.29
C ALA A 449 24.84 2.70 1.44
N GLY A 450 24.80 2.48 0.12
CA GLY A 450 25.82 3.04 -0.76
C GLY A 450 25.71 4.54 -0.95
N ARG A 451 24.49 5.06 -1.05
CA ARG A 451 24.31 6.50 -1.20
C ARG A 451 24.66 7.24 0.09
N TYR A 452 24.21 6.72 1.24
CA TYR A 452 24.49 7.35 2.53
C TYR A 452 25.98 7.31 2.88
N LEU A 453 26.65 6.18 2.62
CA LEU A 453 28.09 6.08 2.87
C LEU A 453 28.89 7.07 2.03
N ALA A 454 28.55 7.20 0.73
CA ALA A 454 29.26 8.14 -0.14
C ALA A 454 29.13 9.58 0.33
N ARG A 455 27.95 9.95 0.84
CA ARG A 455 27.76 11.27 1.41
C ARG A 455 28.67 11.50 2.62
N ARG A 456 28.87 10.46 3.44
CA ARG A 456 29.71 10.62 4.61
C ARG A 456 31.19 10.72 4.25
N LEU A 457 31.63 10.02 3.20
CA LEU A 457 33.05 10.03 2.84
C LEU A 457 33.48 11.35 2.20
N PHE A 458 32.63 11.92 1.34
CA PHE A 458 33.05 13.02 0.48
C PHE A 458 32.19 14.29 0.58
N ALA A 459 31.13 14.30 1.39
CA ALA A 459 30.32 15.51 1.56
C ALA A 459 30.08 15.91 3.01
N GLY A 460 30.73 15.26 3.99
CA GLY A 460 30.60 15.63 5.39
C GLY A 460 29.31 15.18 6.06
N ALA A 461 28.54 14.30 5.44
CA ALA A 461 27.29 13.82 6.02
C ALA A 461 27.55 12.96 7.25
N THR A 462 26.55 12.87 8.12
CA THR A 462 26.65 11.99 9.27
C THR A 462 25.61 10.87 9.30
N GLU A 463 24.60 10.93 8.44
CA GLU A 463 23.48 10.00 8.55
C GLU A 463 23.93 8.56 8.38
N LEU A 464 23.49 7.69 9.29
CA LEU A 464 23.75 6.26 9.12
C LEU A 464 22.56 5.57 8.46
N THR A 465 22.81 4.40 7.87
CA THR A 465 21.73 3.57 7.35
C THR A 465 21.07 2.80 8.49
N ASP A 466 19.73 2.80 8.53
CA ASP A 466 18.94 2.15 9.56
C ASP A 466 18.48 0.80 9.02
N TYR A 467 19.03 -0.28 9.56
CA TYR A 467 18.74 -1.61 9.05
C TYR A 467 17.60 -2.32 9.79
N SER A 468 16.89 -1.64 10.69
CA SER A 468 15.86 -2.30 11.49
C SER A 468 14.48 -2.19 10.84
N ASN A 469 13.71 -3.27 10.96
CA ASN A 469 12.32 -3.33 10.49
C ASN A 469 12.20 -3.00 8.99
N VAL A 470 13.06 -3.59 8.15
CA VAL A 470 12.97 -3.40 6.71
C VAL A 470 11.90 -4.33 6.16
N ALA A 471 10.89 -3.77 5.52
CA ALA A 471 9.79 -4.58 4.99
C ALA A 471 10.28 -5.44 3.81
N THR A 472 9.55 -6.53 3.56
CA THR A 472 9.92 -7.49 2.53
C THR A 472 8.65 -7.98 1.83
N THR A 473 8.82 -8.48 0.60
CA THR A 473 7.70 -9.12 -0.07
C THR A 473 8.19 -10.33 -0.85
N VAL A 474 7.49 -11.45 -0.68
CA VAL A 474 7.76 -12.70 -1.39
C VAL A 474 6.71 -12.83 -2.49
N PHE A 475 7.15 -12.91 -3.74
CA PHE A 475 6.27 -12.84 -4.91
C PHE A 475 5.90 -14.24 -5.40
N THR A 476 5.32 -15.02 -4.51
CA THR A 476 4.75 -16.31 -4.85
C THR A 476 3.42 -16.12 -5.59
N PRO A 477 2.81 -17.18 -6.12
CA PRO A 477 1.50 -17.00 -6.78
C PRO A 477 0.51 -16.18 -5.96
N LEU A 478 0.39 -16.45 -4.66
CA LEU A 478 -0.21 -15.51 -3.72
C LEU A 478 0.89 -14.83 -2.92
N GLU A 479 1.04 -13.51 -3.07
CA GLU A 479 2.16 -12.77 -2.50
C GLU A 479 2.05 -12.61 -0.98
N TYR A 480 3.21 -12.43 -0.35
CA TYR A 480 3.30 -12.36 1.12
C TYR A 480 4.21 -11.21 1.50
N GLY A 481 3.64 -10.16 2.11
CA GLY A 481 4.40 -9.00 2.55
C GLY A 481 4.54 -9.00 4.07
N ALA A 482 5.65 -8.44 4.55
CA ALA A 482 5.95 -8.49 5.98
C ALA A 482 6.79 -7.32 6.38
N CYS A 483 6.58 -6.85 7.61
CA CYS A 483 7.43 -5.82 8.21
C CYS A 483 7.48 -6.02 9.72
N GLY A 484 8.66 -6.30 10.25
CA GLY A 484 8.88 -6.55 11.66
C GLY A 484 9.10 -8.02 11.98
N LEU A 485 8.77 -8.38 13.22
CA LEU A 485 9.06 -9.72 13.73
C LEU A 485 8.04 -10.75 13.26
N SER A 486 8.50 -11.99 13.07
CA SER A 486 7.56 -13.10 13.08
C SER A 486 6.87 -13.21 14.43
N GLU A 487 5.69 -13.84 14.42
CA GLU A 487 4.96 -14.04 15.66
C GLU A 487 5.75 -14.91 16.64
N GLU A 488 6.40 -15.97 16.16
CA GLU A 488 7.17 -16.84 17.05
C GLU A 488 8.38 -16.11 17.61
N ASP A 489 9.04 -15.27 16.81
CA ASP A 489 10.12 -14.45 17.33
C ASP A 489 9.61 -13.49 18.42
N ALA A 490 8.48 -12.85 18.16
CA ALA A 490 7.95 -11.88 19.11
C ALA A 490 7.62 -12.52 20.46
N ILE A 491 7.18 -13.79 20.44
CA ILE A 491 6.89 -14.51 21.68
C ILE A 491 8.18 -14.93 22.38
N GLU A 492 9.13 -15.49 21.62
CA GLU A 492 10.43 -15.86 22.16
C GLU A 492 11.10 -14.69 22.88
N LYS A 493 10.93 -13.47 22.37
CA LYS A 493 11.62 -12.31 22.93
C LYS A 493 10.91 -11.75 24.17
N TYR A 494 9.58 -11.65 24.15
CA TYR A 494 8.88 -10.98 25.25
C TYR A 494 8.01 -11.90 26.08
N GLY A 495 7.81 -13.14 25.67
CA GLY A 495 6.93 -14.02 26.39
C GLY A 495 5.50 -13.96 25.87
N ASP A 496 4.83 -15.11 25.95
CA ASP A 496 3.50 -15.26 25.38
C ASP A 496 2.48 -14.32 26.02
N LYS A 497 2.52 -14.19 27.34
CA LYS A 497 1.49 -13.38 28.02
C LYS A 497 1.52 -11.91 27.60
N ASP A 498 2.66 -11.43 27.09
CA ASP A 498 2.85 -10.04 26.68
C ASP A 498 2.58 -9.79 25.20
N ILE A 499 2.12 -10.79 24.44
CA ILE A 499 1.94 -10.67 23.01
C ILE A 499 0.47 -10.88 22.66
N GLU A 500 -0.13 -9.89 22.02
CA GLU A 500 -1.48 -9.98 21.48
C GLU A 500 -1.38 -9.98 19.95
N VAL A 501 -2.25 -10.75 19.30
CA VAL A 501 -2.25 -10.91 17.85
C VAL A 501 -3.66 -10.66 17.34
N TYR A 502 -3.83 -9.63 16.52
CA TYR A 502 -5.09 -9.39 15.84
C TYR A 502 -4.97 -9.92 14.41
N HIS A 503 -5.98 -10.64 13.95
CA HIS A 503 -5.88 -11.23 12.62
C HIS A 503 -7.26 -11.35 11.98
N SER A 504 -7.27 -11.48 10.66
CA SER A 504 -8.52 -11.70 9.93
C SER A 504 -8.22 -12.33 8.59
N ASN A 505 -9.18 -13.11 8.10
CA ASN A 505 -9.19 -13.47 6.69
C ASN A 505 -9.77 -12.30 5.90
N PHE A 506 -9.64 -12.36 4.57
CA PHE A 506 -10.30 -11.38 3.73
C PHE A 506 -10.41 -11.90 2.30
N LYS A 507 -11.28 -11.25 1.54
CA LYS A 507 -11.52 -11.63 0.15
C LYS A 507 -11.47 -10.36 -0.70
N PRO A 508 -10.60 -10.29 -1.70
CA PRO A 508 -10.62 -9.13 -2.59
C PRO A 508 -11.97 -9.03 -3.31
N LEU A 509 -12.48 -7.79 -3.44
CA LEU A 509 -13.73 -7.61 -4.16
C LEU A 509 -13.63 -8.16 -5.58
N GLU A 510 -12.46 -8.01 -6.20
CA GLU A 510 -12.18 -8.58 -7.52
C GLU A 510 -12.38 -10.10 -7.55
N TRP A 511 -12.30 -10.79 -6.42
CA TRP A 511 -12.46 -12.24 -6.42
C TRP A 511 -13.92 -12.68 -6.31
N THR A 512 -14.87 -11.75 -6.15
CA THR A 512 -16.24 -12.21 -5.96
C THR A 512 -16.82 -12.70 -7.28
N VAL A 513 -16.87 -11.83 -8.29
CA VAL A 513 -17.38 -12.27 -9.60
C VAL A 513 -16.48 -13.34 -10.20
N ALA A 514 -15.18 -13.34 -9.86
CA ALA A 514 -14.27 -14.35 -10.41
C ALA A 514 -14.43 -15.72 -9.78
N HIS A 515 -15.27 -15.85 -8.73
CA HIS A 515 -15.52 -17.12 -8.05
C HIS A 515 -14.26 -17.72 -7.44
N ARG A 516 -13.38 -16.86 -6.93
CA ARG A 516 -12.18 -17.33 -6.27
C ARG A 516 -12.47 -17.55 -4.78
N GLU A 517 -11.48 -18.03 -4.05
CA GLU A 517 -11.73 -18.60 -2.72
C GLU A 517 -12.04 -17.53 -1.67
N ASP A 518 -12.88 -17.91 -0.71
CA ASP A 518 -13.45 -16.99 0.27
C ASP A 518 -12.44 -16.61 1.35
N ASN A 519 -11.72 -17.59 1.92
CA ASN A 519 -10.95 -17.36 3.14
C ASN A 519 -9.50 -17.85 2.99
N VAL A 520 -8.83 -17.48 1.90
CA VAL A 520 -7.43 -17.84 1.71
C VAL A 520 -6.51 -16.67 2.03
N CYS A 521 -6.90 -15.45 1.69
CA CYS A 521 -6.14 -14.27 2.08
C CYS A 521 -6.27 -14.02 3.58
N TYR A 522 -5.19 -13.49 4.18
CA TYR A 522 -5.04 -13.48 5.62
C TYR A 522 -4.11 -12.35 6.03
N MET A 523 -4.40 -11.69 7.14
CA MET A 523 -3.42 -10.74 7.67
C MET A 523 -3.48 -10.76 9.19
N LYS A 524 -2.39 -10.29 9.80
CA LYS A 524 -2.31 -10.21 11.25
C LYS A 524 -1.36 -9.09 11.65
N LEU A 525 -1.60 -8.56 12.86
CA LEU A 525 -0.72 -7.61 13.55
C LEU A 525 -0.28 -8.26 14.85
N VAL A 526 1.02 -8.32 15.07
CA VAL A 526 1.60 -8.91 16.27
C VAL A 526 2.00 -7.74 17.17
N CYS A 527 1.38 -7.64 18.35
CA CYS A 527 1.52 -6.45 19.19
C CYS A 527 2.06 -6.79 20.58
N ARG A 528 2.54 -5.76 21.28
CA ARG A 528 3.13 -5.89 22.62
C ARG A 528 2.24 -5.21 23.66
N LYS A 529 1.62 -6.02 24.52
CA LYS A 529 0.65 -5.48 25.47
C LYS A 529 1.25 -4.42 26.37
N SER A 530 2.47 -4.66 26.89
CA SER A 530 3.03 -3.73 27.87
C SER A 530 3.57 -2.44 27.24
N ASP A 531 3.80 -2.42 25.93
CA ASP A 531 4.30 -1.21 25.29
C ASP A 531 3.20 -0.54 24.47
N ASN A 532 2.07 -0.24 25.11
CA ASN A 532 0.95 0.47 24.48
C ASN A 532 0.39 -0.28 23.28
N MET A 533 0.54 -1.60 23.26
CA MET A 533 0.07 -2.42 22.15
C MET A 533 0.78 -2.04 20.85
N ARG A 534 2.09 -1.83 20.96
CA ARG A 534 2.93 -1.45 19.81
C ARG A 534 2.96 -2.57 18.78
N VAL A 535 2.82 -2.18 17.51
CA VAL A 535 2.90 -3.15 16.41
C VAL A 535 4.36 -3.57 16.24
N LEU A 536 4.64 -4.85 16.55
CA LEU A 536 5.96 -5.47 16.43
C LEU A 536 6.18 -6.17 15.08
N GLY A 537 5.10 -6.64 14.43
CA GLY A 537 5.19 -7.26 13.12
C GLY A 537 3.87 -7.20 12.39
N LEU A 538 3.93 -6.90 11.10
CA LEU A 538 2.76 -6.85 10.21
C LEU A 538 2.92 -7.92 9.14
N HIS A 539 1.84 -8.65 8.85
CA HIS A 539 1.89 -9.78 7.91
C HIS A 539 0.64 -9.79 7.05
N VAL A 540 0.81 -9.92 5.72
CA VAL A 540 -0.34 -10.02 4.82
C VAL A 540 -0.04 -10.99 3.69
N LEU A 541 -0.96 -11.92 3.45
CA LEU A 541 -0.94 -12.82 2.31
C LEU A 541 -2.10 -12.42 1.41
N GLY A 542 -1.79 -11.98 0.19
CA GLY A 542 -2.82 -11.61 -0.75
C GLY A 542 -2.24 -10.90 -1.96
N PRO A 543 -3.10 -10.45 -2.86
CA PRO A 543 -2.60 -9.75 -4.06
C PRO A 543 -2.02 -8.38 -3.72
N ASN A 544 -1.01 -7.97 -4.52
CA ASN A 544 -0.37 -6.65 -4.38
C ASN A 544 0.15 -6.45 -2.97
N ALA A 545 0.70 -7.50 -2.38
CA ALA A 545 1.09 -7.48 -0.98
C ALA A 545 2.24 -6.51 -0.73
N GLY A 546 3.10 -6.31 -1.72
CA GLY A 546 4.12 -5.29 -1.61
C GLY A 546 3.56 -3.88 -1.69
N GLU A 547 2.55 -3.66 -2.54
CA GLU A 547 1.94 -2.34 -2.57
C GLU A 547 1.22 -2.07 -1.24
N ILE A 548 0.63 -3.14 -0.67
CA ILE A 548 -0.09 -3.03 0.60
C ILE A 548 0.88 -2.67 1.72
N THR A 549 1.98 -3.41 1.81
CA THR A 549 2.83 -3.40 2.98
C THR A 549 3.68 -2.14 3.07
N GLN A 550 4.05 -1.57 1.92
CA GLN A 550 5.10 -0.57 1.89
C GLN A 550 4.78 0.63 2.78
N GLY A 551 3.67 1.29 2.52
CA GLY A 551 3.28 2.45 3.31
C GLY A 551 3.30 2.20 4.80
N TYR A 552 2.85 1.02 5.24
CA TYR A 552 2.79 0.74 6.68
C TYR A 552 4.19 0.68 7.30
N ALA A 553 5.21 0.37 6.49
CA ALA A 553 6.58 0.34 6.99
C ALA A 553 7.00 1.69 7.55
N VAL A 554 6.45 2.79 7.02
CA VAL A 554 6.76 4.13 7.52
C VAL A 554 6.17 4.31 8.92
N ALA A 555 4.92 3.88 9.12
CA ALA A 555 4.29 3.97 10.43
C ALA A 555 4.96 3.05 11.44
N ILE A 556 5.42 1.86 11.00
CA ILE A 556 6.09 0.99 11.95
C ILE A 556 7.39 1.64 12.43
N LYS A 557 8.18 2.18 11.49
CA LYS A 557 9.37 2.95 11.82
C LYS A 557 9.09 4.03 12.86
N MET A 558 7.94 4.71 12.80
CA MET A 558 7.64 5.77 13.74
C MET A 558 7.03 5.29 15.05
N GLY A 559 6.97 3.98 15.29
CA GLY A 559 6.47 3.45 16.56
C GLY A 559 4.98 3.21 16.63
N ALA A 560 4.34 2.85 15.51
CA ALA A 560 2.88 2.76 15.48
C ALA A 560 2.35 1.69 16.45
N THR A 561 1.21 2.00 17.10
CA THR A 561 0.49 1.14 18.02
C THR A 561 -0.80 0.63 17.38
N LYS A 562 -1.50 -0.26 18.07
CA LYS A 562 -2.79 -0.72 17.57
C LYS A 562 -3.77 0.44 17.47
N ALA A 563 -3.72 1.37 18.45
CA ALA A 563 -4.65 2.51 18.44
C ALA A 563 -4.43 3.39 17.22
N ASP A 564 -3.19 3.55 16.79
CA ASP A 564 -2.89 4.32 15.59
C ASP A 564 -3.60 3.73 14.37
N PHE A 565 -3.67 2.40 14.29
CA PHE A 565 -4.39 1.78 13.19
C PHE A 565 -5.89 1.97 13.34
N ASP A 566 -6.38 1.96 14.57
CA ASP A 566 -7.82 2.08 14.75
C ASP A 566 -8.29 3.47 14.38
N ARG A 567 -7.50 4.51 14.70
CA ARG A 567 -8.00 5.85 14.47
C ARG A 567 -7.94 6.26 13.01
N THR A 568 -7.09 5.61 12.21
CA THR A 568 -7.06 5.85 10.77
C THR A 568 -8.22 5.15 10.05
N ILE A 569 -8.85 5.86 9.11
CA ILE A 569 -9.96 5.31 8.33
C ILE A 569 -9.40 4.58 7.11
N GLY A 570 -10.09 3.50 6.73
CA GLY A 570 -9.71 2.78 5.54
C GLY A 570 -10.22 3.43 4.25
N ILE A 571 -9.53 3.11 3.15
CA ILE A 571 -9.93 3.40 1.78
C ILE A 571 -10.74 2.22 1.24
N HIS A 572 -11.91 2.48 0.68
CA HIS A 572 -12.81 1.42 0.28
C HIS A 572 -13.25 1.60 -1.16
N PRO A 573 -13.37 0.52 -1.93
CA PRO A 573 -13.01 -0.86 -1.57
C PRO A 573 -11.54 -1.18 -1.88
N THR A 574 -10.77 -1.56 -0.84
CA THR A 574 -9.40 -2.07 -0.99
C THR A 574 -9.23 -3.35 -0.18
N CYS A 575 -8.18 -4.11 -0.50
CA CYS A 575 -7.76 -5.17 0.40
C CYS A 575 -7.09 -4.60 1.66
N SER A 576 -6.25 -3.58 1.48
CA SER A 576 -5.41 -3.10 2.57
C SER A 576 -6.22 -2.42 3.68
N GLU A 577 -7.43 -1.95 3.39
CA GLU A 577 -8.27 -1.32 4.41
C GLU A 577 -8.62 -2.27 5.56
N THR A 578 -8.42 -3.58 5.38
CA THR A 578 -8.72 -4.52 6.47
C THR A 578 -7.81 -4.29 7.67
N PHE A 579 -6.63 -3.72 7.48
CA PHE A 579 -5.76 -3.47 8.62
C PHE A 579 -6.31 -2.40 9.56
N THR A 580 -7.30 -1.62 9.11
CA THR A 580 -7.77 -0.47 9.88
C THR A 580 -8.98 -0.79 10.76
N THR A 581 -9.49 -2.04 10.73
CA THR A 581 -10.61 -2.44 11.57
C THR A 581 -10.43 -3.84 12.17
N LEU A 582 -9.19 -4.27 12.40
CA LEU A 582 -8.94 -5.60 12.93
C LEU A 582 -9.36 -5.68 14.38
N HIS A 583 -10.02 -6.76 14.76
CA HIS A 583 -10.54 -6.87 16.13
C HIS A 583 -10.47 -8.26 16.75
N VAL A 584 -10.55 -9.35 15.99
CA VAL A 584 -10.44 -10.67 16.58
C VAL A 584 -9.01 -10.91 17.00
N THR A 585 -8.81 -11.34 18.25
CA THR A 585 -7.52 -11.75 18.78
C THR A 585 -7.40 -13.26 18.76
N LYS A 586 -6.15 -13.73 18.71
CA LYS A 586 -5.88 -15.17 18.73
C LYS A 586 -6.24 -15.78 20.08
N LYS A 587 -6.02 -15.04 21.17
CA LYS A 587 -6.34 -15.58 22.49
C LYS A 587 -7.84 -15.78 22.65
N SER A 588 -8.65 -14.94 22.01
CA SER A 588 -10.09 -15.10 22.13
C SER A 588 -10.57 -16.39 21.49
N GLY A 589 -9.77 -16.98 20.61
CA GLY A 589 -10.23 -18.18 19.93
C GLY A 589 -11.38 -17.98 18.96
N VAL A 590 -11.83 -16.75 18.70
CA VAL A 590 -12.87 -16.52 17.71
C VAL A 590 -12.33 -16.83 16.32
N SER A 591 -13.20 -17.35 15.45
CA SER A 591 -12.78 -17.66 14.08
C SER A 591 -12.43 -16.38 13.31
N PRO A 592 -11.36 -16.41 12.52
CA PRO A 592 -11.02 -15.26 11.65
C PRO A 592 -11.62 -15.30 10.25
N ILE A 593 -12.54 -16.20 9.93
CA ILE A 593 -13.13 -16.21 8.59
C ILE A 593 -14.09 -15.04 8.43
N VAL A 594 -14.50 -14.76 7.18
CA VAL A 594 -15.55 -13.77 6.93
C VAL A 594 -16.53 -14.26 5.84
N GLY B 7 -15.62 15.84 36.89
CA GLY B 7 -14.72 14.71 36.98
C GLY B 7 -15.28 13.40 36.44
N THR B 8 -14.86 12.30 37.07
CA THR B 8 -15.34 10.96 36.70
C THR B 8 -16.84 10.82 36.92
N SER B 9 -17.41 11.58 37.86
CA SER B 9 -18.81 11.39 38.23
C SER B 9 -19.74 11.63 37.04
N GLN B 10 -19.48 12.67 36.23
CA GLN B 10 -20.38 12.94 35.11
C GLN B 10 -20.25 11.91 34.00
N TRP B 11 -19.10 11.22 33.89
CA TRP B 11 -19.03 10.09 32.98
C TRP B 11 -19.96 8.97 33.43
N LEU B 12 -19.88 8.59 34.71
CA LEU B 12 -20.64 7.44 35.20
C LEU B 12 -22.15 7.67 35.07
N ARG B 13 -22.61 8.90 35.29
CA ARG B 13 -24.05 9.12 35.22
C ARG B 13 -24.53 9.09 33.77
N LYS B 14 -23.71 9.59 32.84
CA LYS B 14 -24.04 9.51 31.42
C LYS B 14 -24.21 8.05 30.98
N THR B 15 -23.24 7.21 31.34
CA THR B 15 -23.27 5.80 31.02
C THR B 15 -24.51 5.11 31.57
N VAL B 16 -24.80 5.34 32.85
CA VAL B 16 -25.87 4.60 33.51
C VAL B 16 -27.23 4.99 32.93
N ASP B 17 -27.42 6.28 32.66
CA ASP B 17 -28.67 6.76 32.08
C ASP B 17 -28.87 6.27 30.64
N SER B 18 -27.77 6.05 29.91
CA SER B 18 -27.89 5.68 28.51
C SER B 18 -27.90 4.17 28.28
N ALA B 19 -27.05 3.42 28.97
CA ALA B 19 -26.96 1.97 28.76
C ALA B 19 -28.32 1.29 28.95
N ALA B 20 -28.51 0.20 28.21
CA ALA B 20 -29.71 -0.62 28.31
C ALA B 20 -29.58 -1.67 29.40
N VAL B 21 -28.51 -2.47 29.34
CA VAL B 21 -28.12 -3.42 30.38
C VAL B 21 -26.61 -3.32 30.53
N ILE B 22 -26.13 -3.04 31.74
CA ILE B 22 -24.70 -2.86 31.94
C ILE B 22 -24.32 -3.41 33.30
N LEU B 23 -23.24 -4.19 33.32
CA LEU B 23 -22.73 -4.85 34.52
C LEU B 23 -21.38 -4.24 34.83
N PHE B 24 -21.29 -3.52 35.95
CA PHE B 24 -20.00 -3.09 36.49
C PHE B 24 -19.41 -4.26 37.25
N SER B 25 -18.32 -4.83 36.74
CA SER B 25 -17.79 -6.09 37.22
C SER B 25 -16.28 -5.96 37.45
N LYS B 26 -15.67 -7.06 37.89
CA LYS B 26 -14.22 -7.20 37.97
C LYS B 26 -13.85 -8.60 37.54
N THR B 27 -12.60 -8.74 37.06
CA THR B 27 -12.21 -9.96 36.37
C THR B 27 -11.93 -11.11 37.34
N THR B 28 -11.26 -10.83 38.46
CA THR B 28 -10.89 -11.85 39.43
C THR B 28 -11.94 -12.02 40.52
N CYS B 29 -13.21 -11.84 40.14
CA CYS B 29 -14.34 -11.82 41.08
C CYS B 29 -15.27 -12.99 40.79
N PRO B 30 -15.20 -14.08 41.55
CA PRO B 30 -16.11 -15.21 41.28
C PRO B 30 -17.58 -14.87 41.49
N TYR B 31 -17.90 -13.87 42.31
CA TYR B 31 -19.29 -13.43 42.41
C TYR B 31 -19.74 -12.76 41.11
N CYS B 32 -18.82 -12.08 40.42
CA CYS B 32 -19.16 -11.46 39.15
C CYS B 32 -19.34 -12.51 38.06
N LYS B 33 -18.52 -13.55 38.08
CA LYS B 33 -18.68 -14.61 37.08
C LYS B 33 -20.05 -15.26 37.20
N LYS B 34 -20.54 -15.44 38.43
CA LYS B 34 -21.83 -16.09 38.62
C LYS B 34 -22.94 -15.30 37.94
N VAL B 35 -22.85 -13.97 37.96
CA VAL B 35 -23.87 -13.15 37.31
C VAL B 35 -23.71 -13.17 35.80
N LYS B 36 -22.47 -13.11 35.31
CA LYS B 36 -22.25 -13.19 33.87
C LYS B 36 -22.84 -14.46 33.29
N ASP B 37 -22.56 -15.59 33.93
CA ASP B 37 -23.03 -16.89 33.42
C ASP B 37 -24.54 -16.98 33.45
N VAL B 38 -25.17 -16.50 34.53
CA VAL B 38 -26.63 -16.49 34.61
C VAL B 38 -27.22 -15.65 33.48
N LEU B 39 -26.71 -14.43 33.30
CA LEU B 39 -27.18 -13.56 32.22
C LEU B 39 -26.99 -14.22 30.86
N ALA B 40 -25.87 -14.93 30.68
CA ALA B 40 -25.60 -15.60 29.41
C ALA B 40 -26.56 -16.75 29.14
N GLU B 41 -26.89 -17.53 30.17
CA GLU B 41 -27.83 -18.64 29.98
C GLU B 41 -29.23 -18.14 29.69
N ALA B 42 -29.63 -17.02 30.30
CA ALA B 42 -30.91 -16.39 30.06
C ALA B 42 -30.96 -15.64 28.72
N LYS B 43 -29.91 -15.77 27.89
CA LYS B 43 -29.82 -15.10 26.59
C LYS B 43 -29.99 -13.59 26.76
N ILE B 44 -29.41 -13.04 27.82
CA ILE B 44 -29.50 -11.62 28.09
C ILE B 44 -28.16 -11.00 27.73
N LYS B 45 -28.16 -10.15 26.72
CA LYS B 45 -26.98 -9.43 26.27
C LYS B 45 -26.82 -8.14 27.07
N HIS B 46 -25.57 -7.76 27.31
CA HIS B 46 -25.30 -6.61 28.16
C HIS B 46 -23.91 -6.08 27.86
N ALA B 47 -23.70 -4.82 28.22
CA ALA B 47 -22.36 -4.23 28.29
C ALA B 47 -21.72 -4.58 29.64
N THR B 48 -20.39 -4.60 29.67
CA THR B 48 -19.63 -4.89 30.87
C THR B 48 -18.50 -3.90 31.01
N ILE B 49 -18.32 -3.38 32.22
CA ILE B 49 -17.28 -2.40 32.53
C ILE B 49 -16.41 -3.02 33.62
N GLU B 50 -15.30 -3.63 33.22
CA GLU B 50 -14.37 -4.25 34.15
C GLU B 50 -13.55 -3.15 34.83
N LEU B 51 -13.84 -2.88 36.10
CA LEU B 51 -13.23 -1.74 36.77
C LEU B 51 -11.77 -1.98 37.13
N ASP B 52 -11.37 -3.24 37.33
CA ASP B 52 -9.97 -3.50 37.63
C ASP B 52 -9.06 -3.27 36.42
N GLN B 53 -9.62 -3.00 35.24
CA GLN B 53 -8.82 -2.71 34.06
C GLN B 53 -8.79 -1.23 33.72
N LEU B 54 -9.83 -0.48 34.06
CA LEU B 54 -9.80 0.97 33.87
C LEU B 54 -8.91 1.61 34.92
N SER B 55 -8.25 2.69 34.51
CA SER B 55 -7.15 3.26 35.29
C SER B 55 -7.60 4.22 36.38
N ASN B 56 -8.91 4.27 36.69
CA ASN B 56 -9.36 4.95 37.90
C ASN B 56 -10.61 4.27 38.44
N GLY B 57 -10.63 2.94 38.39
CA GLY B 57 -11.79 2.19 38.83
C GLY B 57 -12.17 2.43 40.28
N SER B 58 -11.22 2.88 41.11
CA SER B 58 -11.54 3.14 42.51
C SER B 58 -12.50 4.31 42.65
N ALA B 59 -12.22 5.41 41.94
CA ALA B 59 -13.15 6.54 41.97
C ALA B 59 -14.53 6.16 41.43
N ILE B 60 -14.55 5.31 40.40
CA ILE B 60 -15.82 4.89 39.81
C ILE B 60 -16.63 4.07 40.82
N GLN B 61 -15.97 3.14 41.50
CA GLN B 61 -16.65 2.33 42.50
C GLN B 61 -17.27 3.17 43.61
N LYS B 62 -16.74 4.37 43.85
CA LYS B 62 -17.33 5.25 44.85
C LYS B 62 -18.59 5.94 44.32
N CYS B 63 -18.51 6.57 43.13
CA CYS B 63 -19.72 7.20 42.58
C CYS B 63 -20.82 6.18 42.30
N LEU B 64 -20.47 4.92 42.07
CA LEU B 64 -21.50 3.88 41.93
C LEU B 64 -22.45 3.88 43.14
N ALA B 65 -21.90 4.14 44.33
CA ALA B 65 -22.71 4.16 45.54
C ALA B 65 -23.77 5.25 45.52
N SER B 66 -23.54 6.34 44.76
CA SER B 66 -24.57 7.36 44.59
C SER B 66 -25.83 6.82 43.93
N PHE B 67 -25.72 5.74 43.19
CA PHE B 67 -26.89 5.13 42.56
C PHE B 67 -27.40 3.92 43.32
N SER B 68 -26.50 3.15 43.94
CA SER B 68 -26.84 1.85 44.49
C SER B 68 -26.65 1.75 45.99
N LYS B 69 -26.11 2.78 46.65
CA LYS B 69 -25.82 2.79 48.08
C LYS B 69 -24.87 1.68 48.51
N ILE B 70 -24.24 0.98 47.56
CA ILE B 70 -23.21 -0.01 47.86
C ILE B 70 -21.99 0.29 46.99
N GLU B 71 -20.82 -0.14 47.47
CA GLU B 71 -19.55 0.14 46.80
C GLU B 71 -18.81 -1.12 46.40
N THR B 72 -19.47 -2.27 46.48
CA THR B 72 -18.88 -3.54 46.12
C THR B 72 -19.20 -3.88 44.67
N VAL B 73 -18.78 -5.06 44.24
CA VAL B 73 -18.90 -5.48 42.84
C VAL B 73 -19.37 -6.93 42.85
N PRO B 74 -20.31 -7.33 41.97
CA PRO B 74 -20.91 -6.63 40.83
C PRO B 74 -22.17 -5.81 41.10
N GLN B 75 -22.40 -4.79 40.28
CA GLN B 75 -23.65 -4.06 40.25
C GLN B 75 -24.21 -4.08 38.83
N MET B 76 -25.47 -4.47 38.70
CA MET B 76 -26.14 -4.55 37.40
C MET B 76 -27.20 -3.46 37.32
N PHE B 77 -27.26 -2.78 36.17
CA PHE B 77 -28.17 -1.67 35.91
C PHE B 77 -28.95 -1.94 34.63
N VAL B 78 -30.18 -1.45 34.59
CA VAL B 78 -31.05 -1.61 33.44
C VAL B 78 -31.70 -0.27 33.18
N ARG B 79 -31.33 0.37 32.07
CA ARG B 79 -31.94 1.62 31.60
C ARG B 79 -31.98 2.66 32.71
N GLY B 80 -30.84 2.80 33.41
CA GLY B 80 -30.67 3.81 34.42
C GLY B 80 -30.99 3.38 35.83
N LYS B 81 -31.60 2.22 36.00
CA LYS B 81 -32.09 1.74 37.29
C LYS B 81 -31.15 0.68 37.83
N PHE B 82 -30.83 0.77 39.13
CA PHE B 82 -30.02 -0.25 39.77
C PHE B 82 -30.89 -1.46 40.08
N ILE B 83 -30.41 -2.65 39.73
CA ILE B 83 -31.21 -3.87 39.81
C ILE B 83 -30.84 -4.71 41.03
N GLY B 84 -29.54 -4.87 41.29
CA GLY B 84 -29.12 -5.62 42.46
C GLY B 84 -27.65 -5.92 42.41
N ASP B 85 -27.19 -6.54 43.51
CA ASP B 85 -25.91 -7.23 43.58
C ASP B 85 -26.13 -8.67 43.14
N SER B 86 -25.22 -9.57 43.52
CA SER B 86 -25.30 -10.95 43.01
C SER B 86 -26.54 -11.69 43.55
N GLN B 87 -26.81 -11.58 44.86
CA GLN B 87 -27.93 -12.32 45.43
C GLN B 87 -29.27 -11.83 44.87
N THR B 88 -29.40 -10.52 44.67
CA THR B 88 -30.69 -9.98 44.22
C THR B 88 -31.02 -10.41 42.79
N VAL B 89 -30.04 -10.33 41.89
CA VAL B 89 -30.25 -10.79 40.53
C VAL B 89 -30.47 -12.31 40.51
N LEU B 90 -29.72 -13.05 41.33
CA LEU B 90 -29.92 -14.49 41.40
C LEU B 90 -31.30 -14.83 41.96
N LYS B 91 -31.80 -14.03 42.91
CA LYS B 91 -33.15 -14.19 43.42
C LYS B 91 -34.19 -13.96 42.33
N TYR B 92 -34.04 -12.87 41.57
CA TYR B 92 -34.93 -12.60 40.45
C TYR B 92 -34.96 -13.79 39.49
N TYR B 93 -33.80 -14.40 39.23
CA TYR B 93 -33.70 -15.43 38.20
C TYR B 93 -34.46 -16.70 38.59
N SER B 94 -34.20 -17.22 39.80
CA SER B 94 -34.92 -18.39 40.28
C SER B 94 -36.38 -18.09 40.63
N ASN B 95 -36.83 -16.84 40.56
CA ASN B 95 -38.23 -16.48 40.72
C ASN B 95 -38.93 -16.16 39.39
N ASP B 96 -38.21 -16.29 38.26
CA ASP B 96 -38.72 -15.93 36.92
C ASP B 96 -39.12 -14.47 36.84
N GLU B 97 -38.36 -13.58 37.48
CA GLU B 97 -38.62 -12.15 37.41
C GLU B 97 -37.56 -11.40 36.61
N LEU B 98 -36.52 -12.08 36.13
CA LEU B 98 -35.40 -11.37 35.50
C LEU B 98 -35.75 -10.91 34.07
N ALA B 99 -36.51 -11.73 33.33
CA ALA B 99 -36.88 -11.37 31.96
C ALA B 99 -37.69 -10.09 31.92
N GLY B 100 -38.77 -10.02 32.72
CA GLY B 100 -39.64 -8.86 32.70
C GLY B 100 -39.01 -7.59 33.22
N ILE B 101 -37.88 -7.71 33.95
CA ILE B 101 -37.17 -6.52 34.42
C ILE B 101 -36.27 -5.96 33.33
N VAL B 102 -35.46 -6.83 32.69
CA VAL B 102 -34.57 -6.35 31.65
C VAL B 102 -35.35 -5.84 30.44
N ASN B 103 -36.56 -6.34 30.22
CA ASN B 103 -37.38 -5.91 29.10
C ASN B 103 -38.28 -4.73 29.44
N GLU B 104 -38.13 -4.15 30.63
CA GLU B 104 -38.94 -3.02 31.07
C GLU B 104 -38.34 -1.74 30.50
N SER B 105 -39.09 -1.06 29.63
CA SER B 105 -38.61 0.18 29.03
C SER B 105 -39.77 1.14 28.84
N LYS B 106 -39.43 2.44 28.81
CA LYS B 106 -40.43 3.47 28.55
C LYS B 106 -40.87 3.49 27.08
N TYR B 107 -39.97 3.13 26.16
CA TYR B 107 -40.26 3.13 24.72
C TYR B 107 -40.14 1.72 24.13
N ASP B 108 -40.65 1.60 22.90
CA ASP B 108 -40.63 0.32 22.19
C ASP B 108 -39.21 -0.20 21.98
N TYR B 109 -38.25 0.68 21.68
CA TYR B 109 -36.87 0.29 21.42
C TYR B 109 -35.92 1.24 22.15
N ASP B 110 -34.71 0.74 22.36
CA ASP B 110 -33.63 1.57 22.90
C ASP B 110 -33.03 2.46 21.82
N LEU B 111 -33.04 2.00 20.58
CA LEU B 111 -32.48 2.75 19.47
C LEU B 111 -33.29 2.44 18.23
N ILE B 112 -33.74 3.48 17.54
CA ILE B 112 -34.27 3.36 16.19
C ILE B 112 -33.27 4.00 15.25
N VAL B 113 -32.86 3.26 14.22
CA VAL B 113 -32.02 3.78 13.14
C VAL B 113 -32.88 3.95 11.90
N ILE B 114 -32.97 5.18 11.39
CA ILE B 114 -33.62 5.46 10.12
C ILE B 114 -32.55 5.44 9.03
N GLY B 115 -32.56 4.40 8.21
CA GLY B 115 -31.57 4.27 7.16
C GLY B 115 -30.73 3.02 7.33
N GLY B 116 -30.92 2.05 6.44
CA GLY B 116 -30.11 0.85 6.47
C GLY B 116 -29.02 0.85 5.42
N GLY B 117 -28.18 1.89 5.41
CA GLY B 117 -26.99 1.92 4.60
C GLY B 117 -25.74 1.67 5.43
N SER B 118 -24.61 2.19 4.93
CA SER B 118 -23.31 1.88 5.51
C SER B 118 -23.26 2.17 7.01
N GLY B 119 -23.62 3.39 7.41
CA GLY B 119 -23.54 3.79 8.81
C GLY B 119 -24.69 3.25 9.63
N GLY B 120 -25.89 3.35 9.11
CA GLY B 120 -27.07 2.78 9.75
C GLY B 120 -26.90 1.35 10.18
N LEU B 121 -26.65 0.42 9.23
CA LEU B 121 -26.50 -0.98 9.59
C LEU B 121 -25.33 -1.18 10.54
N ALA B 122 -24.24 -0.43 10.36
CA ALA B 122 -23.11 -0.58 11.28
C ALA B 122 -23.52 -0.21 12.70
N ALA B 123 -24.08 0.99 12.89
CA ALA B 123 -24.56 1.42 14.20
C ALA B 123 -25.53 0.42 14.82
N GLY B 124 -26.47 -0.11 14.03
CA GLY B 124 -27.49 -1.02 14.57
C GLY B 124 -26.92 -2.30 15.14
N LYS B 125 -26.03 -2.97 14.40
CA LYS B 125 -25.43 -4.23 14.88
C LYS B 125 -24.57 -3.98 16.12
N GLU B 126 -23.82 -2.90 16.12
CA GLU B 126 -22.94 -2.64 17.25
C GLU B 126 -23.75 -2.34 18.51
N ALA B 127 -24.85 -1.59 18.36
CA ALA B 127 -25.71 -1.32 19.53
C ALA B 127 -26.32 -2.59 20.09
N ALA B 128 -26.74 -3.50 19.21
CA ALA B 128 -27.40 -4.73 19.66
C ALA B 128 -26.46 -5.60 20.49
N LYS B 129 -25.17 -5.57 20.20
CA LYS B 129 -24.20 -6.37 20.96
C LYS B 129 -24.30 -6.11 22.45
N TYR B 130 -24.59 -4.86 22.86
CA TYR B 130 -24.56 -4.45 24.26
C TYR B 130 -25.96 -4.41 24.89
N GLY B 131 -26.93 -5.08 24.31
CA GLY B 131 -28.23 -5.24 24.94
C GLY B 131 -29.28 -4.22 24.58
N ALA B 132 -29.03 -3.36 23.60
CA ALA B 132 -30.00 -2.35 23.17
C ALA B 132 -31.02 -2.98 22.23
N LYS B 133 -32.29 -2.95 22.61
CA LYS B 133 -33.32 -3.37 21.68
C LYS B 133 -33.31 -2.39 20.51
N THR B 134 -33.03 -2.89 19.32
CA THR B 134 -32.77 -2.01 18.20
C THR B 134 -33.66 -2.34 17.00
N ALA B 135 -34.14 -1.29 16.36
CA ALA B 135 -34.87 -1.37 15.11
C ALA B 135 -34.09 -0.60 14.03
N VAL B 136 -34.01 -1.19 12.84
CA VAL B 136 -33.39 -0.54 11.70
C VAL B 136 -34.43 -0.46 10.59
N LEU B 137 -34.72 0.76 10.13
CA LEU B 137 -35.66 1.02 9.05
C LEU B 137 -34.91 1.30 7.75
N ASP B 138 -35.38 0.69 6.66
CA ASP B 138 -34.82 1.00 5.35
C ASP B 138 -35.90 0.89 4.28
N TYR B 139 -35.88 1.82 3.33
CA TYR B 139 -36.79 1.87 2.21
C TYR B 139 -36.05 2.55 1.05
N VAL B 140 -36.16 1.98 -0.14
CA VAL B 140 -35.49 2.52 -1.33
C VAL B 140 -36.57 3.10 -2.25
N GLU B 141 -36.71 4.42 -2.22
CA GLU B 141 -37.57 5.15 -3.15
C GLU B 141 -37.10 4.99 -4.59
N PRO B 142 -37.96 4.58 -5.51
CA PRO B 142 -37.50 4.24 -6.86
C PRO B 142 -37.04 5.45 -7.65
N THR B 143 -36.23 5.18 -8.67
CA THR B 143 -35.78 6.22 -9.59
C THR B 143 -36.98 6.70 -10.41
N PRO B 144 -36.81 7.79 -11.18
CA PRO B 144 -37.88 8.16 -12.14
C PRO B 144 -38.31 7.02 -13.07
N ILE B 145 -37.38 6.26 -13.67
CA ILE B 145 -37.79 5.10 -14.47
C ILE B 145 -38.14 3.87 -13.63
N GLY B 146 -37.97 3.92 -12.30
CA GLY B 146 -38.44 2.87 -11.42
C GLY B 146 -37.44 1.87 -10.87
N THR B 147 -36.14 2.07 -11.10
CA THR B 147 -35.13 1.15 -10.54
C THR B 147 -35.29 1.07 -9.02
N THR B 148 -35.07 -0.13 -8.47
CA THR B 148 -35.08 -0.31 -7.02
C THR B 148 -34.13 -1.44 -6.63
N TRP B 149 -33.76 -1.51 -5.35
CA TRP B 149 -32.75 -2.46 -4.88
C TRP B 149 -32.99 -2.81 -3.42
N GLY B 150 -32.22 -3.78 -2.93
CA GLY B 150 -32.40 -4.32 -1.60
C GLY B 150 -31.63 -3.60 -0.52
N LEU B 151 -31.52 -4.26 0.63
CA LEU B 151 -30.93 -3.66 1.83
C LEU B 151 -29.43 -3.49 1.66
N GLY B 152 -28.92 -2.39 2.23
CA GLY B 152 -27.49 -2.13 2.23
C GLY B 152 -27.04 -0.70 2.00
N GLY B 153 -27.84 0.11 1.31
CA GLY B 153 -27.47 1.49 1.10
C GLY B 153 -26.81 1.71 -0.25
N THR B 154 -26.29 2.93 -0.42
CA THR B 154 -25.83 3.36 -1.74
C THR B 154 -24.59 2.59 -2.17
N CYS B 155 -23.60 2.47 -1.29
CA CYS B 155 -22.34 1.79 -1.62
C CYS B 155 -22.57 0.35 -2.08
N VAL B 156 -23.35 -0.41 -1.31
CA VAL B 156 -23.64 -1.81 -1.61
C VAL B 156 -24.33 -1.94 -2.97
N ASN B 157 -25.38 -1.17 -3.20
CA ASN B 157 -26.25 -1.43 -4.34
C ASN B 157 -25.94 -0.60 -5.59
N VAL B 158 -25.69 0.71 -5.44
CA VAL B 158 -25.54 1.56 -6.62
C VAL B 158 -24.36 2.51 -6.50
N GLY B 159 -23.27 2.03 -5.88
CA GLY B 159 -22.10 2.83 -5.52
C GLY B 159 -20.78 2.07 -5.56
N CYS B 160 -19.96 2.15 -4.48
CA CYS B 160 -18.58 1.62 -4.50
C CYS B 160 -18.46 0.18 -5.02
N ILE B 161 -19.40 -0.68 -4.64
CA ILE B 161 -19.29 -2.12 -4.92
C ILE B 161 -19.51 -2.39 -6.41
N PRO B 162 -20.64 -1.97 -7.03
CA PRO B 162 -20.78 -2.24 -8.47
C PRO B 162 -19.82 -1.45 -9.35
N LYS B 163 -19.47 -0.19 -9.02
CA LYS B 163 -18.60 0.54 -9.96
C LYS B 163 -17.20 -0.05 -10.00
N LYS B 164 -16.67 -0.49 -8.83
CA LYS B 164 -15.34 -1.07 -8.80
C LYS B 164 -15.30 -2.43 -9.45
N LEU B 165 -16.39 -3.18 -9.35
CA LEU B 165 -16.46 -4.42 -10.11
C LEU B 165 -16.48 -4.12 -11.61
N MET B 166 -17.14 -3.02 -12.02
CA MET B 166 -17.13 -2.68 -13.44
C MET B 166 -15.81 -2.03 -13.85
N HIS B 167 -15.23 -1.22 -12.97
CA HIS B 167 -13.85 -0.78 -13.16
C HIS B 167 -12.92 -1.97 -13.43
N GLN B 168 -13.04 -3.02 -12.62
CA GLN B 168 -12.19 -4.20 -12.77
C GLN B 168 -12.42 -4.90 -14.12
N ALA B 169 -13.68 -4.99 -14.55
CA ALA B 169 -13.94 -5.53 -15.89
C ALA B 169 -13.24 -4.70 -16.95
N GLY B 170 -13.24 -3.37 -16.80
CA GLY B 170 -12.47 -2.53 -17.69
C GLY B 170 -10.98 -2.86 -17.67
N LEU B 171 -10.40 -2.94 -16.46
CA LEU B 171 -8.98 -3.19 -16.33
C LEU B 171 -8.58 -4.48 -17.03
N LEU B 172 -9.43 -5.51 -16.96
CA LEU B 172 -9.11 -6.80 -17.56
C LEU B 172 -8.85 -6.68 -19.06
N SER B 173 -9.36 -5.62 -19.70
CA SER B 173 -9.08 -5.37 -21.10
C SER B 173 -7.61 -5.05 -21.33
N HIS B 174 -6.96 -4.39 -20.37
CA HIS B 174 -5.52 -4.14 -20.49
C HIS B 174 -4.72 -5.43 -20.38
N ALA B 175 -5.17 -6.37 -19.55
CA ALA B 175 -4.47 -7.64 -19.43
C ALA B 175 -4.55 -8.45 -20.72
N LEU B 176 -5.64 -8.34 -21.48
CA LEU B 176 -5.68 -8.98 -22.78
C LEU B 176 -4.81 -8.26 -23.79
N GLU B 177 -4.64 -6.94 -23.63
CA GLU B 177 -3.69 -6.21 -24.47
C GLU B 177 -2.25 -6.61 -24.15
N ASP B 178 -1.91 -6.71 -22.86
CA ASP B 178 -0.54 -6.99 -22.43
C ASP B 178 -0.10 -8.42 -22.72
N ALA B 179 -1.07 -9.34 -22.93
CA ALA B 179 -0.77 -10.75 -22.82
C ALA B 179 0.16 -11.23 -23.93
N GLU B 180 0.07 -10.66 -25.13
CA GLU B 180 0.99 -11.06 -26.19
C GLU B 180 2.43 -10.67 -25.86
N HIS B 181 2.63 -9.49 -25.27
CA HIS B 181 3.99 -9.07 -24.98
C HIS B 181 4.66 -9.96 -23.93
N PHE B 182 3.87 -10.58 -23.06
CA PHE B 182 4.40 -11.48 -22.04
C PHE B 182 4.42 -12.94 -22.48
N GLY B 183 4.04 -13.24 -23.72
CA GLY B 183 4.18 -14.56 -24.30
C GLY B 183 2.90 -15.34 -24.53
N TRP B 184 1.73 -14.80 -24.17
CA TRP B 184 0.47 -15.51 -24.39
C TRP B 184 -0.07 -15.27 -25.80
N SER B 185 -0.54 -16.33 -26.43
CA SER B 185 -0.78 -16.35 -27.87
C SER B 185 -2.20 -15.99 -28.28
N LEU B 186 -3.01 -15.47 -27.36
CA LEU B 186 -4.40 -15.14 -27.68
C LEU B 186 -4.51 -14.08 -28.78
N ASP B 187 -5.62 -14.12 -29.52
CA ASP B 187 -5.92 -13.14 -30.56
C ASP B 187 -6.86 -12.07 -29.99
N ARG B 188 -6.30 -10.89 -29.69
CA ARG B 188 -7.05 -9.84 -29.01
C ARG B 188 -8.10 -9.18 -29.91
N SER B 189 -7.91 -9.19 -31.22
CA SER B 189 -8.82 -8.48 -32.10
C SER B 189 -10.15 -9.18 -32.30
N LYS B 190 -10.25 -10.47 -31.99
CA LYS B 190 -11.56 -11.11 -32.03
C LYS B 190 -12.06 -11.37 -30.61
N ILE B 191 -12.17 -10.32 -29.81
CA ILE B 191 -12.63 -10.42 -28.43
C ILE B 191 -13.65 -9.31 -28.19
N SER B 192 -14.86 -9.71 -27.80
CA SER B 192 -15.94 -8.78 -27.50
C SER B 192 -16.33 -8.90 -26.04
N HIS B 193 -16.91 -7.83 -25.52
CA HIS B 193 -17.43 -7.84 -24.16
C HIS B 193 -18.95 -7.91 -24.19
N ASN B 194 -19.54 -8.68 -23.25
CA ASN B 194 -21.00 -8.81 -23.12
C ASN B 194 -21.47 -8.07 -21.86
N TRP B 195 -22.14 -6.93 -22.07
CA TRP B 195 -22.63 -6.11 -20.96
C TRP B 195 -23.56 -6.90 -20.04
N SER B 196 -24.59 -7.53 -20.61
CA SER B 196 -25.60 -8.13 -19.75
C SER B 196 -25.05 -9.31 -18.93
N THR B 197 -24.05 -10.03 -19.47
CA THR B 197 -23.40 -11.08 -18.70
C THR B 197 -22.69 -10.52 -17.47
N MET B 198 -22.09 -9.35 -17.62
CA MET B 198 -21.33 -8.77 -16.53
C MET B 198 -22.29 -8.21 -15.47
N VAL B 199 -23.38 -7.57 -15.91
CA VAL B 199 -24.36 -7.07 -14.95
C VAL B 199 -24.93 -8.22 -14.11
N GLU B 200 -25.14 -9.38 -14.73
CA GLU B 200 -25.65 -10.52 -13.98
C GLU B 200 -24.71 -10.94 -12.86
N GLY B 201 -23.40 -10.99 -13.14
CA GLY B 201 -22.45 -11.37 -12.10
C GLY B 201 -22.34 -10.31 -11.01
N VAL B 202 -22.39 -9.03 -11.39
CA VAL B 202 -22.36 -7.94 -10.42
C VAL B 202 -23.62 -7.98 -9.56
N GLN B 203 -24.78 -8.13 -10.19
CA GLN B 203 -26.04 -8.15 -9.46
C GLN B 203 -26.11 -9.37 -8.54
N SER B 204 -25.58 -10.49 -9.00
CA SER B 204 -25.56 -11.69 -8.17
C SER B 204 -24.73 -11.49 -6.91
N HIS B 205 -23.56 -10.86 -7.02
CA HIS B 205 -22.82 -10.57 -5.80
C HIS B 205 -23.58 -9.59 -4.91
N ILE B 206 -24.20 -8.59 -5.52
CA ILE B 206 -24.99 -7.63 -4.76
C ILE B 206 -26.10 -8.33 -3.99
N GLY B 207 -26.88 -9.19 -4.68
CA GLY B 207 -27.92 -9.93 -4.00
C GLY B 207 -27.43 -10.72 -2.80
N SER B 208 -26.21 -11.27 -2.89
CA SER B 208 -25.64 -12.01 -1.78
C SER B 208 -25.31 -11.11 -0.60
N LEU B 209 -25.17 -9.80 -0.85
CA LEU B 209 -24.91 -8.84 0.21
C LEU B 209 -26.20 -8.35 0.87
N ASN B 210 -27.27 -8.09 0.11
CA ASN B 210 -28.55 -7.78 0.74
C ASN B 210 -28.92 -8.89 1.72
N TRP B 211 -28.85 -10.15 1.26
CA TRP B 211 -29.26 -11.29 2.06
C TRP B 211 -28.32 -11.48 3.25
N GLY B 212 -27.02 -11.35 3.03
CA GLY B 212 -26.09 -11.37 4.15
C GLY B 212 -26.47 -10.39 5.24
N TYR B 213 -26.91 -9.18 4.85
CA TYR B 213 -27.30 -8.16 5.82
C TYR B 213 -28.61 -8.53 6.53
N LYS B 214 -29.63 -8.99 5.79
CA LYS B 214 -30.85 -9.43 6.45
C LYS B 214 -30.57 -10.50 7.50
N VAL B 215 -29.68 -11.45 7.19
CA VAL B 215 -29.33 -12.51 8.13
C VAL B 215 -28.59 -11.94 9.34
N ALA B 216 -27.60 -11.07 9.09
CA ALA B 216 -26.87 -10.44 10.18
C ALA B 216 -27.81 -9.78 11.17
N LEU B 217 -28.75 -8.99 10.66
CA LEU B 217 -29.71 -8.33 11.55
C LEU B 217 -30.49 -9.38 12.36
N ARG B 218 -30.93 -10.46 11.70
CA ARG B 218 -31.68 -11.50 12.40
C ARG B 218 -30.85 -12.12 13.53
N ASP B 219 -29.59 -12.45 13.29
CA ASP B 219 -28.77 -13.12 14.29
C ASP B 219 -28.20 -12.18 15.35
N ASN B 220 -28.54 -10.90 15.27
CA ASN B 220 -28.19 -9.93 16.30
C ASN B 220 -29.41 -9.44 17.07
N GLN B 221 -30.59 -10.02 16.80
CA GLN B 221 -31.84 -9.67 17.47
C GLN B 221 -32.27 -8.25 17.15
N VAL B 222 -31.85 -7.74 16.01
CA VAL B 222 -32.30 -6.44 15.51
C VAL B 222 -33.56 -6.65 14.68
N THR B 223 -34.57 -5.81 14.87
CA THR B 223 -35.77 -5.84 14.06
C THR B 223 -35.57 -5.02 12.80
N TYR B 224 -35.60 -5.69 11.65
CA TYR B 224 -35.51 -4.99 10.37
C TYR B 224 -36.92 -4.73 9.87
N LEU B 225 -37.20 -3.46 9.54
CA LEU B 225 -38.52 -3.02 9.06
C LEU B 225 -38.33 -2.33 7.72
N ASN B 226 -38.78 -2.97 6.64
CA ASN B 226 -38.71 -2.37 5.30
C ASN B 226 -39.83 -1.33 5.16
N ALA B 227 -39.59 -0.16 5.74
CA ALA B 227 -40.60 0.89 5.82
C ALA B 227 -39.94 2.26 5.70
N LYS B 228 -40.74 3.26 5.35
CA LYS B 228 -40.27 4.63 5.28
C LYS B 228 -40.50 5.30 6.63
N GLY B 229 -39.42 5.76 7.26
CA GLY B 229 -39.51 6.41 8.55
C GLY B 229 -39.62 7.93 8.46
N ARG B 230 -40.21 8.49 9.50
CA ARG B 230 -40.41 9.95 9.58
C ARG B 230 -40.47 10.31 11.06
N LEU B 231 -39.56 11.19 11.49
CA LEU B 231 -39.47 11.61 12.89
C LEU B 231 -40.48 12.73 13.14
N ILE B 232 -41.60 12.37 13.77
CA ILE B 232 -42.65 13.36 14.04
C ILE B 232 -42.46 14.05 15.40
N SER B 233 -41.65 13.48 16.28
CA SER B 233 -41.32 14.08 17.57
C SER B 233 -40.04 13.44 18.07
N PRO B 234 -39.38 14.02 19.10
CA PRO B 234 -38.06 13.53 19.51
C PRO B 234 -37.95 12.04 19.77
N HIS B 235 -39.01 11.37 20.22
CA HIS B 235 -38.96 9.94 20.48
C HIS B 235 -39.92 9.12 19.62
N GLU B 236 -40.60 9.74 18.65
CA GLU B 236 -41.66 9.10 17.88
C GLU B 236 -41.27 9.04 16.41
N VAL B 237 -41.25 7.83 15.85
CA VAL B 237 -40.94 7.63 14.43
C VAL B 237 -42.18 7.04 13.76
N GLN B 238 -42.67 7.72 12.73
CA GLN B 238 -43.81 7.23 11.97
C GLN B 238 -43.36 6.49 10.73
N ILE B 239 -44.03 5.35 10.45
CA ILE B 239 -43.57 4.38 9.47
C ILE B 239 -44.71 4.04 8.51
N THR B 240 -44.38 3.86 7.24
CA THR B 240 -45.34 3.44 6.24
C THR B 240 -44.94 2.10 5.63
N ASP B 241 -45.88 1.15 5.63
CA ASP B 241 -45.69 -0.18 5.09
C ASP B 241 -45.37 -0.15 3.61
N LYS B 242 -45.07 -1.34 3.07
CA LYS B 242 -45.12 -1.51 1.63
C LYS B 242 -46.55 -1.63 1.11
N ASN B 243 -47.54 -1.82 1.99
CA ASN B 243 -48.96 -1.79 1.64
C ASN B 243 -49.64 -0.52 2.14
N GLN B 244 -48.92 0.61 2.16
CA GLN B 244 -49.40 1.92 2.58
C GLN B 244 -49.73 2.03 4.06
N LYS B 245 -49.50 1.00 4.87
CA LYS B 245 -50.03 0.99 6.24
C LYS B 245 -49.16 1.83 7.17
N VAL B 246 -49.81 2.74 7.91
CA VAL B 246 -49.14 3.74 8.74
C VAL B 246 -49.31 3.41 10.22
N SER B 247 -48.29 3.70 11.00
CA SER B 247 -48.28 3.42 12.44
C SER B 247 -47.11 4.19 13.05
N THR B 248 -47.00 4.15 14.38
CA THR B 248 -45.98 4.88 15.11
C THR B 248 -45.24 3.97 16.07
N ILE B 249 -43.91 4.03 16.08
CA ILE B 249 -43.09 3.33 17.06
C ILE B 249 -42.25 4.36 17.79
N THR B 250 -41.80 4.00 18.99
CA THR B 250 -41.08 4.92 19.84
C THR B 250 -39.73 4.34 20.19
N GLY B 251 -38.77 5.22 20.43
CA GLY B 251 -37.43 4.79 20.84
C GLY B 251 -36.78 5.80 21.74
N ASN B 252 -35.90 5.31 22.62
CA ASN B 252 -35.12 6.21 23.48
C ASN B 252 -34.16 7.06 22.65
N LYS B 253 -33.26 6.43 21.90
CA LYS B 253 -32.32 7.15 21.04
C LYS B 253 -32.67 6.94 19.57
N ILE B 254 -32.50 8.01 18.77
CA ILE B 254 -32.76 7.98 17.33
C ILE B 254 -31.43 8.29 16.61
N ILE B 255 -31.12 7.53 15.56
CA ILE B 255 -29.97 7.84 14.69
C ILE B 255 -30.48 8.04 13.28
N LEU B 256 -30.20 9.19 12.70
CA LEU B 256 -30.55 9.48 11.31
C LEU B 256 -29.35 9.18 10.42
N ALA B 257 -29.61 8.40 9.36
CA ALA B 257 -28.60 7.84 8.46
C ALA B 257 -29.21 7.53 7.10
N THR B 258 -29.82 8.52 6.46
CA THR B 258 -30.61 8.29 5.27
C THR B 258 -29.92 8.74 3.99
N GLY B 259 -28.74 9.35 4.09
CA GLY B 259 -27.89 9.55 2.94
C GLY B 259 -28.50 10.45 1.89
N GLU B 260 -28.11 10.21 0.65
CA GLU B 260 -28.38 11.15 -0.43
C GLU B 260 -28.85 10.39 -1.66
N ARG B 261 -29.26 11.15 -2.67
CA ARG B 261 -29.66 10.63 -3.96
C ARG B 261 -29.21 11.62 -5.03
N PRO B 262 -29.15 11.18 -6.30
CA PRO B 262 -28.56 12.04 -7.34
C PRO B 262 -29.48 13.18 -7.78
N LYS B 263 -28.87 14.36 -8.01
CA LYS B 263 -29.65 15.51 -8.50
C LYS B 263 -29.84 15.43 -10.01
N TYR B 264 -30.85 16.18 -10.49
CA TYR B 264 -30.99 16.41 -11.91
C TYR B 264 -30.91 17.91 -12.18
N PRO B 265 -30.26 18.32 -13.26
CA PRO B 265 -30.37 19.73 -13.67
C PRO B 265 -31.80 20.05 -14.09
N GLU B 266 -32.20 21.29 -13.83
CA GLU B 266 -33.53 21.78 -14.21
C GLU B 266 -33.54 22.14 -15.70
N ILE B 267 -33.58 21.11 -16.55
CA ILE B 267 -33.69 21.34 -17.99
C ILE B 267 -34.71 20.38 -18.57
N PRO B 268 -35.40 20.80 -19.63
CA PRO B 268 -36.42 19.95 -20.22
C PRO B 268 -35.82 18.64 -20.74
N GLY B 269 -36.45 17.53 -20.38
CA GLY B 269 -36.06 16.23 -20.86
C GLY B 269 -35.22 15.42 -19.88
N ALA B 270 -34.65 16.06 -18.86
CA ALA B 270 -33.64 15.40 -18.02
C ALA B 270 -34.24 14.22 -17.26
N VAL B 271 -35.31 14.46 -16.51
CA VAL B 271 -35.87 13.39 -15.71
C VAL B 271 -36.57 12.37 -16.60
N GLU B 272 -37.19 12.87 -17.67
CA GLU B 272 -37.92 11.98 -18.56
C GLU B 272 -37.01 11.04 -19.32
N TYR B 273 -35.84 11.53 -19.79
CA TYR B 273 -35.10 10.81 -20.82
C TYR B 273 -33.67 10.44 -20.45
N GLY B 274 -33.10 10.99 -19.37
CA GLY B 274 -31.81 10.59 -18.91
C GLY B 274 -31.91 9.54 -17.80
N ILE B 275 -30.75 9.00 -17.42
CA ILE B 275 -30.63 8.13 -16.25
C ILE B 275 -29.49 8.66 -15.38
N THR B 276 -29.36 8.09 -14.19
CA THR B 276 -28.24 8.41 -13.30
C THR B 276 -27.55 7.12 -12.88
N SER B 277 -26.57 7.26 -11.98
CA SER B 277 -25.81 6.11 -11.53
C SER B 277 -26.67 5.10 -10.77
N ASP B 278 -27.73 5.57 -10.11
CA ASP B 278 -28.72 4.67 -9.50
C ASP B 278 -29.23 3.61 -10.48
N ASP B 279 -29.35 3.96 -11.77
CA ASP B 279 -29.85 3.06 -12.81
C ASP B 279 -28.76 2.32 -13.56
N LEU B 280 -27.56 2.90 -13.66
CA LEU B 280 -26.54 2.35 -14.56
C LEU B 280 -26.12 0.94 -14.17
N PHE B 281 -26.06 0.62 -12.86
CA PHE B 281 -25.49 -0.65 -12.41
C PHE B 281 -26.44 -1.83 -12.54
N SER B 282 -27.72 -1.62 -12.85
CA SER B 282 -28.61 -2.72 -13.21
C SER B 282 -29.29 -2.52 -14.56
N LEU B 283 -28.80 -1.61 -15.40
CA LEU B 283 -29.39 -1.40 -16.71
C LEU B 283 -29.34 -2.69 -17.53
N PRO B 284 -30.46 -3.15 -18.10
CA PRO B 284 -30.45 -4.43 -18.80
C PRO B 284 -29.94 -4.39 -20.23
N TYR B 285 -29.75 -3.20 -20.81
CA TYR B 285 -29.15 -3.08 -22.13
C TYR B 285 -27.82 -2.32 -22.01
N PHE B 286 -26.91 -2.59 -22.93
CA PHE B 286 -25.68 -1.78 -22.98
C PHE B 286 -26.04 -0.33 -23.31
N PRO B 287 -25.50 0.65 -22.57
CA PRO B 287 -25.83 2.06 -22.85
C PRO B 287 -25.63 2.49 -24.29
N GLY B 288 -24.65 1.94 -25.02
CA GLY B 288 -24.39 2.39 -26.37
C GLY B 288 -23.60 3.69 -26.38
N LYS B 289 -23.72 4.45 -27.46
CA LYS B 289 -23.13 5.78 -27.47
C LYS B 289 -23.71 6.63 -26.33
N THR B 290 -22.84 7.01 -25.40
CA THR B 290 -23.25 7.59 -24.13
C THR B 290 -22.68 8.99 -23.96
N LEU B 291 -23.43 9.83 -23.28
CA LEU B 291 -22.99 11.15 -22.85
C LEU B 291 -23.09 11.20 -21.33
N VAL B 292 -21.94 11.35 -20.67
CA VAL B 292 -21.90 11.58 -19.22
C VAL B 292 -21.75 13.07 -19.00
N ILE B 293 -22.73 13.67 -18.32
CA ILE B 293 -22.75 15.09 -18.02
C ILE B 293 -22.36 15.26 -16.56
N GLY B 294 -21.28 16.00 -16.34
CA GLY B 294 -20.72 16.27 -15.02
C GLY B 294 -19.23 16.01 -15.01
N ALA B 295 -18.62 16.28 -13.85
CA ALA B 295 -17.17 16.08 -13.77
C ALA B 295 -16.70 15.64 -12.39
N SER B 296 -17.56 15.03 -11.58
CA SER B 296 -17.17 14.51 -10.28
C SER B 296 -16.50 13.15 -10.45
N TYR B 297 -16.09 12.56 -9.32
CA TYR B 297 -15.49 11.23 -9.41
C TYR B 297 -16.50 10.21 -9.94
N VAL B 298 -17.80 10.39 -9.66
CA VAL B 298 -18.80 9.47 -10.22
C VAL B 298 -18.80 9.56 -11.75
N ALA B 299 -18.78 10.77 -12.28
CA ALA B 299 -18.79 10.97 -13.73
C ALA B 299 -17.55 10.40 -14.39
N LEU B 300 -16.37 10.73 -13.85
CA LEU B 300 -15.13 10.26 -14.46
C LEU B 300 -14.96 8.75 -14.31
N GLU B 301 -15.36 8.19 -13.16
CA GLU B 301 -15.24 6.74 -12.99
C GLU B 301 -16.14 5.99 -13.97
N CYS B 302 -17.35 6.48 -14.21
CA CYS B 302 -18.30 5.78 -15.05
C CYS B 302 -17.96 5.94 -16.53
N ALA B 303 -17.63 7.15 -16.96
CA ALA B 303 -17.10 7.33 -18.32
C ALA B 303 -15.91 6.42 -18.53
N GLY B 304 -15.08 6.28 -17.49
CA GLY B 304 -13.86 5.49 -17.62
C GLY B 304 -14.11 4.03 -17.97
N PHE B 305 -15.04 3.38 -17.26
CA PHE B 305 -15.18 1.96 -17.55
C PHE B 305 -16.08 1.68 -18.75
N LEU B 306 -16.94 2.61 -19.15
CA LEU B 306 -17.69 2.40 -20.38
C LEU B 306 -16.78 2.42 -21.60
N ALA B 307 -15.84 3.37 -21.64
CA ALA B 307 -14.87 3.38 -22.74
C ALA B 307 -14.03 2.12 -22.75
N SER B 308 -13.65 1.62 -21.57
CA SER B 308 -12.81 0.42 -21.48
C SER B 308 -13.55 -0.83 -21.95
N LEU B 309 -14.87 -0.89 -21.76
CA LEU B 309 -15.68 -1.99 -22.25
C LEU B 309 -16.08 -1.82 -23.72
N GLY B 310 -15.46 -0.87 -24.41
CA GLY B 310 -15.65 -0.63 -25.82
C GLY B 310 -16.74 0.34 -26.20
N GLY B 311 -17.26 1.12 -25.26
CA GLY B 311 -18.30 2.08 -25.59
C GLY B 311 -17.74 3.38 -26.16
N ASP B 312 -18.63 4.12 -26.83
CA ASP B 312 -18.35 5.45 -27.39
C ASP B 312 -18.88 6.48 -26.40
N VAL B 313 -17.98 7.14 -25.70
CA VAL B 313 -18.28 7.88 -24.48
C VAL B 313 -17.77 9.30 -24.62
N THR B 314 -18.60 10.27 -24.23
CA THR B 314 -18.22 11.68 -24.20
C THR B 314 -18.60 12.22 -22.84
N VAL B 315 -17.74 13.09 -22.28
CA VAL B 315 -17.98 13.73 -20.99
C VAL B 315 -18.09 15.24 -21.21
N MET B 316 -19.18 15.83 -20.70
CA MET B 316 -19.47 17.24 -20.90
C MET B 316 -19.18 17.95 -19.59
N VAL B 317 -18.21 18.85 -19.61
CA VAL B 317 -17.63 19.47 -18.42
C VAL B 317 -18.02 20.94 -18.41
N ARG B 318 -18.73 21.36 -17.35
CA ARG B 318 -19.06 22.77 -17.16
C ARG B 318 -17.81 23.63 -17.06
N SER B 319 -16.92 23.27 -16.13
CA SER B 319 -15.71 24.06 -15.88
C SER B 319 -14.47 23.17 -15.78
N ILE B 320 -14.25 22.54 -14.63
CA ILE B 320 -13.02 21.81 -14.34
C ILE B 320 -13.34 20.36 -13.93
N LEU B 321 -12.29 19.54 -13.95
CA LEU B 321 -12.42 18.16 -13.47
C LEU B 321 -12.14 18.11 -11.97
N LEU B 322 -12.97 17.34 -11.26
CA LEU B 322 -12.77 16.97 -9.85
C LEU B 322 -12.55 18.19 -8.96
N ARG B 323 -13.55 19.08 -8.93
CA ARG B 323 -13.50 20.25 -8.08
C ARG B 323 -13.28 19.84 -6.62
N GLY B 324 -12.43 20.59 -5.92
CA GLY B 324 -12.07 20.29 -4.54
C GLY B 324 -10.87 19.38 -4.38
N PHE B 325 -10.44 18.71 -5.45
CA PHE B 325 -9.25 17.86 -5.48
C PHE B 325 -8.06 18.63 -6.04
N ASP B 326 -6.86 18.17 -5.71
CA ASP B 326 -5.62 18.75 -6.25
C ASP B 326 -5.72 18.86 -7.77
N GLN B 327 -5.58 20.08 -8.29
CA GLN B 327 -5.96 20.30 -9.68
C GLN B 327 -4.86 19.94 -10.67
N GLN B 328 -3.60 19.88 -10.23
CA GLN B 328 -2.59 19.26 -11.08
C GLN B 328 -2.90 17.78 -11.28
N MET B 329 -3.33 17.11 -10.20
CA MET B 329 -3.64 15.68 -10.30
C MET B 329 -4.89 15.44 -11.13
N ALA B 330 -5.95 16.22 -10.91
CA ALA B 330 -7.15 16.10 -11.72
C ALA B 330 -6.82 16.24 -13.20
N GLU B 331 -5.98 17.22 -13.57
CA GLU B 331 -5.65 17.37 -14.98
C GLU B 331 -4.86 16.19 -15.51
N LYS B 332 -3.99 15.60 -14.69
CA LYS B 332 -3.27 14.40 -15.13
C LYS B 332 -4.21 13.24 -15.34
N VAL B 333 -5.10 13.01 -14.38
CA VAL B 333 -6.17 12.01 -14.53
C VAL B 333 -6.92 12.21 -15.84
N GLY B 334 -7.37 13.45 -16.09
CA GLY B 334 -8.21 13.72 -17.25
C GLY B 334 -7.46 13.61 -18.56
N ASP B 335 -6.16 13.90 -18.54
CA ASP B 335 -5.32 13.75 -19.72
C ASP B 335 -5.10 12.27 -20.06
N TYR B 336 -4.95 11.41 -19.04
CA TYR B 336 -4.88 9.99 -19.31
C TYR B 336 -6.13 9.52 -20.03
N MET B 337 -7.31 9.88 -19.49
CA MET B 337 -8.56 9.42 -20.10
C MET B 337 -8.71 9.93 -21.54
N GLU B 338 -8.33 11.18 -21.80
CA GLU B 338 -8.52 11.74 -23.14
C GLU B 338 -7.62 11.05 -24.16
N ASN B 339 -6.45 10.59 -23.74
CA ASN B 339 -5.54 9.85 -24.63
C ASN B 339 -5.93 8.39 -24.79
N HIS B 340 -6.76 7.85 -23.90
CA HIS B 340 -7.13 6.44 -23.98
C HIS B 340 -8.62 6.24 -24.20
N GLY B 341 -9.21 7.10 -25.05
CA GLY B 341 -10.50 6.81 -25.63
C GLY B 341 -11.73 7.43 -25.02
N VAL B 342 -11.58 8.35 -24.06
CA VAL B 342 -12.71 9.13 -23.56
C VAL B 342 -12.64 10.52 -24.19
N LYS B 343 -13.69 10.93 -24.91
CA LYS B 343 -13.74 12.28 -25.46
C LYS B 343 -14.40 13.25 -24.49
N PHE B 344 -14.03 14.52 -24.59
CA PHE B 344 -14.53 15.57 -23.70
C PHE B 344 -15.07 16.75 -24.52
N ALA B 345 -16.23 17.28 -24.10
CA ALA B 345 -16.76 18.54 -24.60
C ALA B 345 -16.52 19.58 -23.50
N LYS B 346 -15.37 20.25 -23.57
CA LYS B 346 -14.92 21.13 -22.50
C LYS B 346 -15.68 22.45 -22.50
N LEU B 347 -15.87 23.01 -21.30
CA LEU B 347 -16.51 24.32 -21.12
C LEU B 347 -17.88 24.39 -21.79
N CYS B 348 -18.71 23.36 -21.53
CA CYS B 348 -19.96 23.16 -22.24
C CYS B 348 -21.03 22.69 -21.27
N VAL B 349 -22.28 22.99 -21.58
CA VAL B 349 -23.37 22.87 -20.61
C VAL B 349 -24.67 22.47 -21.31
N PRO B 350 -25.49 21.58 -20.73
CA PRO B 350 -26.70 21.13 -21.42
C PRO B 350 -27.88 22.07 -21.25
N ASP B 351 -28.70 22.16 -22.31
CA ASP B 351 -29.92 22.98 -22.38
C ASP B 351 -31.22 22.17 -22.42
N GLU B 352 -31.22 21.00 -23.07
CA GLU B 352 -32.40 20.14 -23.06
C GLU B 352 -32.06 18.78 -23.67
N ILE B 353 -32.92 17.80 -23.36
CA ILE B 353 -32.86 16.47 -23.95
C ILE B 353 -34.12 16.25 -24.78
N LYS B 354 -33.96 15.85 -26.03
CA LYS B 354 -35.07 15.55 -26.92
C LYS B 354 -35.07 14.06 -27.24
N GLN B 355 -36.21 13.40 -27.02
CA GLN B 355 -36.34 11.99 -27.34
C GLN B 355 -36.59 11.81 -28.84
N LEU B 356 -35.78 10.97 -29.49
CA LEU B 356 -36.08 10.58 -30.85
C LEU B 356 -36.59 9.15 -30.94
N LYS B 357 -36.13 8.26 -30.07
CA LYS B 357 -36.53 6.87 -30.06
C LYS B 357 -36.75 6.45 -28.61
N VAL B 358 -37.85 5.73 -28.36
CA VAL B 358 -38.19 5.24 -27.04
C VAL B 358 -37.34 4.00 -26.74
N VAL B 359 -36.98 3.79 -25.47
CA VAL B 359 -36.31 2.56 -25.09
C VAL B 359 -37.17 1.36 -25.48
N ASP B 360 -36.53 0.34 -26.05
CA ASP B 360 -37.20 -0.88 -26.52
C ASP B 360 -37.05 -1.98 -25.46
N THR B 361 -38.07 -2.14 -24.63
CA THR B 361 -38.02 -3.16 -23.59
C THR B 361 -37.92 -4.56 -24.19
N GLU B 362 -38.73 -4.84 -25.20
CA GLU B 362 -38.74 -6.13 -25.87
C GLU B 362 -37.33 -6.53 -26.29
N ASN B 363 -36.80 -5.86 -27.33
CA ASN B 363 -35.53 -6.22 -27.94
C ASN B 363 -34.31 -5.95 -27.06
N ASN B 364 -34.49 -5.28 -25.92
CA ASN B 364 -33.40 -4.97 -24.99
C ASN B 364 -32.36 -4.04 -25.63
N LYS B 365 -32.84 -2.88 -26.08
CA LYS B 365 -32.07 -1.86 -26.77
C LYS B 365 -32.31 -0.51 -26.11
N PRO B 366 -31.33 0.38 -26.13
CA PRO B 366 -31.57 1.75 -25.66
C PRO B 366 -32.41 2.51 -26.66
N GLY B 367 -32.83 3.70 -26.26
CA GLY B 367 -33.51 4.60 -27.17
C GLY B 367 -32.53 5.37 -28.05
N LEU B 368 -32.97 6.56 -28.47
CA LEU B 368 -32.14 7.53 -29.17
C LEU B 368 -32.48 8.90 -28.62
N LEU B 369 -31.45 9.69 -28.31
CA LEU B 369 -31.69 11.01 -27.74
C LEU B 369 -30.92 12.06 -28.52
N LEU B 370 -31.44 13.30 -28.48
CA LEU B 370 -30.79 14.48 -29.04
C LEU B 370 -30.47 15.45 -27.91
N VAL B 371 -29.19 15.79 -27.77
CA VAL B 371 -28.73 16.71 -26.73
C VAL B 371 -28.41 18.05 -27.38
N LYS B 372 -29.07 19.10 -26.88
CA LYS B 372 -28.77 20.48 -27.23
C LYS B 372 -28.06 21.13 -26.04
N GLY B 373 -26.88 21.69 -26.28
CA GLY B 373 -26.20 22.47 -25.27
C GLY B 373 -25.47 23.64 -25.89
N HIS B 374 -24.71 24.39 -25.09
CA HIS B 374 -23.88 25.47 -25.61
C HIS B 374 -22.60 25.61 -24.78
N TYR B 375 -21.55 26.13 -25.44
CA TYR B 375 -20.29 26.42 -24.77
C TYR B 375 -20.29 27.83 -24.18
N THR B 376 -19.21 28.20 -23.50
CA THR B 376 -19.11 29.55 -22.96
C THR B 376 -18.69 30.59 -23.99
N ASP B 377 -18.28 30.21 -25.20
CA ASP B 377 -18.15 31.23 -26.23
C ASP B 377 -19.50 31.59 -26.83
N GLY B 378 -20.55 30.83 -26.49
CA GLY B 378 -21.87 31.00 -27.05
C GLY B 378 -22.24 29.97 -28.10
N LYS B 379 -21.26 29.34 -28.75
CA LYS B 379 -21.57 28.38 -29.83
C LYS B 379 -22.39 27.20 -29.30
N LYS B 380 -23.04 26.51 -30.23
CA LYS B 380 -24.03 25.49 -29.93
C LYS B 380 -23.45 24.08 -29.95
N PHE B 381 -23.85 23.27 -28.97
CA PHE B 381 -23.65 21.84 -28.96
C PHE B 381 -24.90 21.13 -29.48
N GLU B 382 -24.73 20.25 -30.45
CA GLU B 382 -25.88 19.44 -30.90
C GLU B 382 -25.35 18.10 -31.42
N GLU B 383 -25.71 17.02 -30.73
CA GLU B 383 -25.26 15.67 -31.05
C GLU B 383 -26.26 14.68 -30.48
N GLU B 384 -26.40 13.53 -31.14
CA GLU B 384 -27.29 12.46 -30.70
C GLU B 384 -26.51 11.37 -29.97
N PHE B 385 -27.11 10.84 -28.90
CA PHE B 385 -26.55 9.77 -28.06
C PHE B 385 -27.65 8.77 -27.72
N GLU B 386 -27.27 7.49 -27.57
CA GLU B 386 -28.27 6.51 -27.15
C GLU B 386 -28.59 6.61 -25.66
N THR B 387 -27.66 7.06 -24.84
CA THR B 387 -27.84 7.13 -23.40
C THR B 387 -27.26 8.44 -22.89
N VAL B 388 -27.88 9.03 -21.87
CA VAL B 388 -27.35 10.24 -21.24
C VAL B 388 -27.42 10.08 -19.72
N ILE B 389 -26.25 10.17 -19.07
CA ILE B 389 -26.10 9.94 -17.63
C ILE B 389 -25.80 11.26 -16.97
N PHE B 390 -26.53 11.58 -15.90
CA PHE B 390 -26.34 12.82 -15.16
C PHE B 390 -25.62 12.49 -13.86
N ALA B 391 -24.39 13.01 -13.72
CA ALA B 391 -23.64 13.02 -12.45
C ALA B 391 -23.33 14.47 -12.10
N VAL B 392 -24.34 15.19 -11.63
CA VAL B 392 -24.18 16.62 -11.35
C VAL B 392 -24.31 16.85 -9.85
N GLY B 393 -23.97 15.84 -9.06
CA GLY B 393 -23.95 15.96 -7.61
C GLY B 393 -25.05 15.15 -6.95
N ARG B 394 -24.96 15.06 -5.63
CA ARG B 394 -25.91 14.31 -4.80
C ARG B 394 -26.34 15.20 -3.64
N GLU B 395 -27.48 14.87 -3.02
CA GLU B 395 -28.07 15.76 -2.01
C GLU B 395 -29.04 14.99 -1.14
N PRO B 396 -29.21 15.40 0.12
CA PRO B 396 -30.22 14.78 0.98
C PRO B 396 -31.59 15.41 0.80
N GLN B 397 -32.60 14.66 1.18
CA GLN B 397 -33.99 15.10 1.09
C GLN B 397 -34.60 14.92 2.48
N LEU B 398 -34.25 15.80 3.41
CA LEU B 398 -34.63 15.56 4.80
C LEU B 398 -36.04 16.03 5.11
N SER B 399 -36.72 16.68 4.17
CA SER B 399 -38.14 16.97 4.34
C SER B 399 -39.00 15.71 4.28
N LYS B 400 -38.51 14.64 3.65
CA LYS B 400 -39.22 13.37 3.67
C LYS B 400 -38.99 12.57 4.95
N VAL B 401 -38.10 13.04 5.82
CA VAL B 401 -37.57 12.20 6.89
C VAL B 401 -37.85 12.84 8.24
N LEU B 402 -37.94 14.17 8.25
CA LEU B 402 -37.71 14.95 9.46
C LEU B 402 -38.73 16.08 9.54
N CYS B 403 -39.71 15.96 10.44
CA CYS B 403 -40.72 17.00 10.60
C CYS B 403 -40.09 18.27 11.17
N GLU B 404 -40.35 19.40 10.52
CA GLU B 404 -39.76 20.68 10.91
C GLU B 404 -40.04 21.01 12.38
N THR B 405 -41.19 20.58 12.91
CA THR B 405 -41.54 20.92 14.28
C THR B 405 -40.65 20.23 15.31
N VAL B 406 -39.95 19.16 14.93
CA VAL B 406 -39.16 18.40 15.89
C VAL B 406 -37.98 19.22 16.39
N GLY B 407 -37.43 20.08 15.54
CA GLY B 407 -36.38 20.97 15.95
C GLY B 407 -34.97 20.51 15.67
N VAL B 408 -34.73 19.76 14.59
CA VAL B 408 -33.38 19.40 14.17
C VAL B 408 -32.86 20.47 13.22
N LYS B 409 -31.73 21.08 13.58
CA LYS B 409 -31.18 22.20 12.81
C LYS B 409 -30.45 21.69 11.57
N LEU B 410 -30.77 22.28 10.43
CA LEU B 410 -30.18 21.95 9.14
C LEU B 410 -29.37 23.12 8.59
N ASP B 411 -28.20 22.84 8.02
CA ASP B 411 -27.39 23.89 7.40
C ASP B 411 -28.02 24.27 6.06
N LYS B 412 -27.32 25.11 5.27
CA LYS B 412 -27.97 25.73 4.12
C LYS B 412 -28.11 24.79 2.92
N ASN B 413 -27.38 23.67 2.90
CA ASN B 413 -27.49 22.68 1.83
C ASN B 413 -28.54 21.61 2.13
N GLY B 414 -29.05 21.56 3.36
CA GLY B 414 -29.96 20.52 3.76
C GLY B 414 -29.35 19.43 4.62
N ARG B 415 -28.13 19.62 5.13
CA ARG B 415 -27.48 18.63 5.97
C ARG B 415 -27.58 19.02 7.45
N VAL B 416 -27.36 18.02 8.31
CA VAL B 416 -27.63 18.13 9.74
C VAL B 416 -26.42 18.69 10.47
N VAL B 417 -26.63 19.76 11.24
CA VAL B 417 -25.59 20.33 12.08
C VAL B 417 -25.46 19.50 13.35
N CYS B 418 -24.24 18.97 13.60
CA CYS B 418 -23.96 18.06 14.72
C CYS B 418 -22.71 18.50 15.46
N THR B 419 -22.64 18.14 16.73
CA THR B 419 -21.43 18.31 17.52
C THR B 419 -20.39 17.26 17.10
N ASP B 420 -19.22 17.28 17.75
CA ASP B 420 -18.18 16.34 17.31
C ASP B 420 -18.42 14.93 17.82
N ASP B 421 -19.54 14.70 18.51
CA ASP B 421 -19.97 13.35 18.86
C ASP B 421 -21.31 13.03 18.21
N GLU B 422 -21.59 13.70 17.09
CA GLU B 422 -22.71 13.36 16.21
C GLU B 422 -24.07 13.74 16.77
N GLN B 423 -24.10 14.55 17.84
CA GLN B 423 -25.37 14.91 18.47
C GLN B 423 -26.02 16.10 17.77
N THR B 424 -27.32 15.99 17.50
CA THR B 424 -28.05 17.06 16.80
C THR B 424 -28.38 18.18 17.80
N THR B 425 -29.30 19.07 17.41
CA THR B 425 -29.81 20.10 18.30
C THR B 425 -30.93 19.59 19.20
N VAL B 426 -31.39 18.37 18.99
CA VAL B 426 -32.31 17.69 19.88
C VAL B 426 -31.52 16.61 20.60
N SER B 427 -31.57 16.61 21.93
CA SER B 427 -30.54 15.96 22.76
C SER B 427 -30.45 14.45 22.59
N ASN B 428 -31.49 13.78 22.09
CA ASN B 428 -31.46 12.33 21.96
C ASN B 428 -31.32 11.88 20.51
N VAL B 429 -31.14 12.80 19.59
CA VAL B 429 -31.13 12.49 18.16
C VAL B 429 -29.71 12.71 17.64
N TYR B 430 -29.22 11.77 16.84
CA TYR B 430 -27.88 11.87 16.27
C TYR B 430 -27.95 11.60 14.78
N ALA B 431 -26.91 12.02 14.06
CA ALA B 431 -26.85 11.79 12.62
C ALA B 431 -25.43 11.39 12.23
N ILE B 432 -25.32 10.43 11.29
CA ILE B 432 -24.05 9.86 10.85
C ILE B 432 -24.02 9.79 9.33
N GLY B 433 -22.82 9.79 8.77
CA GLY B 433 -22.69 9.56 7.34
C GLY B 433 -22.94 10.80 6.49
N ASP B 434 -23.49 10.56 5.29
CA ASP B 434 -23.50 11.60 4.26
C ASP B 434 -24.29 12.84 4.67
N ILE B 435 -25.27 12.69 5.57
CA ILE B 435 -26.10 13.81 6.01
C ILE B 435 -25.51 14.59 7.18
N ASN B 436 -24.36 14.19 7.69
CA ASN B 436 -23.69 14.94 8.75
C ASN B 436 -22.93 16.09 8.10
N ALA B 437 -23.40 17.33 8.28
CA ALA B 437 -22.82 18.50 7.63
C ALA B 437 -21.30 18.56 7.77
N GLY B 438 -20.60 18.80 6.65
CA GLY B 438 -19.18 19.08 6.63
C GLY B 438 -18.22 17.93 6.90
N LYS B 439 -18.68 16.67 6.93
CA LYS B 439 -17.80 15.52 7.11
C LYS B 439 -17.52 14.85 5.77
N PRO B 440 -16.42 14.10 5.65
CA PRO B 440 -16.17 13.43 4.36
C PRO B 440 -17.23 12.38 4.08
N GLN B 441 -17.85 12.47 2.91
CA GLN B 441 -18.91 11.56 2.51
C GLN B 441 -18.30 10.30 1.92
N LEU B 442 -17.99 9.34 2.80
CA LEU B 442 -17.32 8.11 2.40
C LEU B 442 -17.85 6.99 3.26
N THR B 443 -17.85 5.78 2.70
CA THR B 443 -18.44 4.64 3.40
C THR B 443 -17.65 4.22 4.64
N PRO B 444 -16.32 4.17 4.61
CA PRO B 444 -15.61 3.83 5.86
C PRO B 444 -15.81 4.86 6.96
N VAL B 445 -16.03 6.14 6.60
CA VAL B 445 -16.33 7.17 7.59
C VAL B 445 -17.71 6.90 8.24
N ALA B 446 -18.72 6.64 7.43
CA ALA B 446 -20.05 6.35 7.98
C ALA B 446 -20.05 5.10 8.87
N ILE B 447 -19.18 4.13 8.60
CA ILE B 447 -19.15 2.90 9.41
C ILE B 447 -18.43 3.13 10.73
N GLN B 448 -17.31 3.85 10.70
CA GLN B 448 -16.61 4.17 11.93
C GLN B 448 -17.41 5.14 12.81
N ALA B 449 -18.07 6.13 12.21
CA ALA B 449 -18.96 7.01 12.96
C ALA B 449 -20.03 6.19 13.68
N GLY B 450 -20.81 5.41 12.93
CA GLY B 450 -21.91 4.68 13.51
C GLY B 450 -21.50 3.59 14.49
N ARG B 451 -20.32 2.99 14.30
CA ARG B 451 -19.84 2.02 15.29
C ARG B 451 -19.43 2.73 16.58
N TYR B 452 -18.56 3.74 16.46
CA TYR B 452 -18.05 4.42 17.63
C TYR B 452 -19.18 5.06 18.44
N LEU B 453 -20.19 5.60 17.77
CA LEU B 453 -21.29 6.24 18.49
C LEU B 453 -22.11 5.22 19.28
N ALA B 454 -22.36 4.03 18.71
CA ALA B 454 -23.07 2.99 19.45
C ALA B 454 -22.34 2.61 20.72
N ARG B 455 -21.02 2.58 20.69
CA ARG B 455 -20.25 2.22 21.87
C ARG B 455 -20.35 3.28 22.97
N ARG B 456 -20.54 4.53 22.59
CA ARG B 456 -20.66 5.61 23.56
C ARG B 456 -22.03 5.62 24.22
N LEU B 457 -23.08 5.36 23.44
CA LEU B 457 -24.43 5.42 24.00
C LEU B 457 -24.71 4.23 24.92
N PHE B 458 -24.29 3.03 24.53
CA PHE B 458 -24.73 1.84 25.24
C PHE B 458 -23.61 1.03 25.91
N ALA B 459 -22.36 1.48 25.85
CA ALA B 459 -21.27 0.75 26.46
C ALA B 459 -20.35 1.65 27.28
N GLY B 460 -20.59 2.96 27.31
CA GLY B 460 -19.77 3.86 28.10
C GLY B 460 -18.40 4.16 27.53
N ALA B 461 -18.23 4.03 26.21
CA ALA B 461 -16.97 4.38 25.58
C ALA B 461 -16.84 5.90 25.50
N THR B 462 -15.60 6.36 25.30
CA THR B 462 -15.37 7.79 25.10
C THR B 462 -14.72 8.12 23.76
N GLU B 463 -14.33 7.12 22.98
CA GLU B 463 -13.64 7.38 21.72
C GLU B 463 -14.53 8.17 20.76
N LEU B 464 -13.98 9.26 20.21
CA LEU B 464 -14.62 9.99 19.12
C LEU B 464 -14.10 9.52 17.78
N THR B 465 -14.91 9.72 16.74
CA THR B 465 -14.45 9.55 15.36
C THR B 465 -13.53 10.72 14.97
N ASP B 466 -12.35 10.39 14.41
CA ASP B 466 -11.42 11.38 13.89
C ASP B 466 -11.69 11.59 12.40
N TYR B 467 -12.05 12.80 12.02
CA TYR B 467 -12.44 13.04 10.63
C TYR B 467 -11.38 13.74 9.78
N SER B 468 -10.18 14.01 10.30
CA SER B 468 -9.18 14.71 9.48
C SER B 468 -8.25 13.73 8.75
N ASN B 469 -7.72 14.20 7.61
CA ASN B 469 -6.76 13.44 6.79
C ASN B 469 -7.24 12.03 6.48
N VAL B 470 -8.52 11.89 6.15
CA VAL B 470 -9.08 10.61 5.71
C VAL B 470 -8.71 10.40 4.25
N ALA B 471 -8.02 9.31 3.95
CA ALA B 471 -7.50 9.11 2.61
C ALA B 471 -8.61 8.70 1.64
N THR B 472 -8.44 9.07 0.37
CA THR B 472 -9.41 8.77 -0.69
C THR B 472 -8.70 8.08 -1.85
N THR B 473 -9.50 7.44 -2.71
CA THR B 473 -9.02 7.00 -4.01
C THR B 473 -10.12 7.16 -5.06
N VAL B 474 -9.76 7.78 -6.18
CA VAL B 474 -10.61 7.91 -7.34
C VAL B 474 -10.23 6.79 -8.29
N PHE B 475 -11.20 5.96 -8.67
CA PHE B 475 -10.95 4.74 -9.45
C PHE B 475 -11.18 4.96 -10.95
N THR B 476 -10.56 6.02 -11.51
CA THR B 476 -10.52 6.27 -12.95
C THR B 476 -9.64 5.24 -13.64
N PRO B 477 -9.65 5.18 -14.99
CA PRO B 477 -8.81 4.19 -15.70
C PRO B 477 -7.40 4.10 -15.17
N LEU B 478 -6.76 5.24 -14.93
CA LEU B 478 -5.56 5.35 -14.12
C LEU B 478 -5.97 5.89 -12.75
N GLU B 479 -5.82 5.09 -11.71
CA GLU B 479 -6.36 5.45 -10.41
C GLU B 479 -5.54 6.58 -9.75
N TYR B 480 -6.19 7.30 -8.84
CA TYR B 480 -5.63 8.48 -8.19
C TYR B 480 -5.91 8.37 -6.69
N GLY B 481 -4.85 8.28 -5.90
CA GLY B 481 -4.97 8.14 -4.46
C GLY B 481 -4.41 9.38 -3.79
N ALA B 482 -4.99 9.74 -2.65
CA ALA B 482 -4.64 10.99 -1.99
C ALA B 482 -4.90 10.86 -0.50
N CYS B 483 -3.98 11.42 0.30
CA CYS B 483 -4.23 11.64 1.72
C CYS B 483 -3.72 13.01 2.12
N GLY B 484 -4.57 13.83 2.70
CA GLY B 484 -4.10 15.12 3.20
C GLY B 484 -4.40 16.29 2.28
N LEU B 485 -3.61 17.37 2.39
CA LEU B 485 -3.92 18.61 1.68
C LEU B 485 -3.54 18.53 0.20
N SER B 486 -4.36 19.14 -0.65
CA SER B 486 -3.90 19.40 -2.01
C SER B 486 -2.82 20.49 -1.99
N GLU B 487 -2.02 20.52 -3.06
CA GLU B 487 -0.93 21.48 -3.12
C GLU B 487 -1.44 22.92 -3.04
N GLU B 488 -2.50 23.25 -3.79
CA GLU B 488 -2.97 24.63 -3.78
C GLU B 488 -3.51 25.00 -2.41
N ASP B 489 -4.16 24.06 -1.70
CA ASP B 489 -4.66 24.36 -0.35
C ASP B 489 -3.52 24.59 0.64
N ALA B 490 -2.42 23.84 0.49
CA ALA B 490 -1.29 23.96 1.40
C ALA B 490 -0.58 25.29 1.20
N ILE B 491 -0.39 25.70 -0.05
CA ILE B 491 0.17 27.02 -0.35
C ILE B 491 -0.74 28.11 0.21
N GLU B 492 -2.05 28.02 -0.07
CA GLU B 492 -2.97 29.07 0.36
C GLU B 492 -3.04 29.16 1.88
N LYS B 493 -2.73 28.08 2.58
CA LYS B 493 -2.80 28.08 4.05
C LYS B 493 -1.54 28.56 4.73
N TYR B 494 -0.35 28.29 4.19
CA TYR B 494 0.88 28.61 4.89
C TYR B 494 1.81 29.54 4.12
N GLY B 495 1.51 29.84 2.87
CA GLY B 495 2.36 30.72 2.11
C GLY B 495 3.30 29.93 1.24
N ASP B 496 3.54 30.41 0.02
CA ASP B 496 4.37 29.67 -0.91
C ASP B 496 5.81 29.52 -0.45
N LYS B 497 6.31 30.41 0.41
CA LYS B 497 7.69 30.26 0.84
C LYS B 497 7.84 29.12 1.83
N ASP B 498 6.78 28.79 2.56
CA ASP B 498 6.80 27.75 3.58
C ASP B 498 6.51 26.34 3.04
N ILE B 499 6.29 26.17 1.74
CA ILE B 499 5.86 24.89 1.20
C ILE B 499 6.93 24.35 0.26
N GLU B 500 7.42 23.14 0.55
CA GLU B 500 8.29 22.40 -0.35
C GLU B 500 7.56 21.16 -0.84
N VAL B 501 7.64 20.91 -2.16
CA VAL B 501 6.95 19.79 -2.81
C VAL B 501 8.00 18.89 -3.47
N TYR B 502 8.09 17.64 -3.02
CA TYR B 502 8.91 16.63 -3.66
C TYR B 502 8.04 15.77 -4.57
N HIS B 503 8.55 15.48 -5.77
CA HIS B 503 7.72 14.81 -6.77
C HIS B 503 8.61 14.06 -7.75
N SER B 504 7.97 13.17 -8.52
CA SER B 504 8.63 12.25 -9.43
C SER B 504 7.60 11.48 -10.26
N ASN B 505 7.93 11.24 -11.53
CA ASN B 505 7.24 10.25 -12.36
C ASN B 505 7.76 8.86 -12.03
N PHE B 506 6.97 7.84 -12.37
CA PHE B 506 7.45 6.48 -12.26
C PHE B 506 6.79 5.63 -13.31
N LYS B 507 7.31 4.43 -13.47
CA LYS B 507 6.77 3.48 -14.43
C LYS B 507 6.70 2.10 -13.80
N PRO B 508 5.52 1.51 -13.70
CA PRO B 508 5.43 0.16 -13.11
C PRO B 508 6.33 -0.81 -13.87
N LEU B 509 7.03 -1.68 -13.13
CA LEU B 509 7.87 -2.66 -13.82
C LEU B 509 7.05 -3.52 -14.79
N GLU B 510 5.79 -3.80 -14.45
CA GLU B 510 4.88 -4.52 -15.33
C GLU B 510 4.66 -3.81 -16.67
N TRP B 511 4.82 -2.49 -16.72
CA TRP B 511 4.57 -1.74 -17.94
C TRP B 511 5.74 -1.78 -18.92
N THR B 512 6.89 -2.33 -18.54
CA THR B 512 8.05 -2.25 -19.43
C THR B 512 7.90 -3.23 -20.59
N VAL B 513 7.79 -4.52 -20.30
CA VAL B 513 7.58 -5.51 -21.36
C VAL B 513 6.28 -5.26 -22.13
N ALA B 514 5.28 -4.63 -21.50
CA ALA B 514 4.03 -4.35 -22.21
C ALA B 514 4.10 -3.12 -23.11
N HIS B 515 5.22 -2.40 -23.11
CA HIS B 515 5.45 -1.20 -23.93
C HIS B 515 4.42 -0.12 -23.65
N ARG B 516 4.29 0.24 -22.37
CA ARG B 516 3.35 1.29 -21.98
C ARG B 516 4.13 2.59 -21.70
N GLU B 517 3.39 3.65 -21.38
CA GLU B 517 3.97 4.97 -21.20
C GLU B 517 5.03 4.98 -20.10
N ASP B 518 6.09 5.77 -20.33
CA ASP B 518 7.16 5.98 -19.35
C ASP B 518 6.79 6.98 -18.27
N ASN B 519 6.16 8.09 -18.65
CA ASN B 519 6.06 9.25 -17.78
C ASN B 519 4.63 9.75 -17.65
N VAL B 520 3.65 8.87 -17.41
CA VAL B 520 2.30 9.30 -17.05
C VAL B 520 2.01 9.08 -15.57
N CYS B 521 2.44 7.94 -15.00
CA CYS B 521 2.34 7.74 -13.55
C CYS B 521 3.20 8.75 -12.80
N TYR B 522 2.65 9.27 -11.70
CA TYR B 522 3.19 10.46 -11.05
C TYR B 522 2.87 10.44 -9.56
N MET B 523 3.78 10.95 -8.74
CA MET B 523 3.52 11.07 -7.31
C MET B 523 4.21 12.31 -6.73
N LYS B 524 3.66 12.79 -5.61
CA LYS B 524 4.26 13.95 -4.94
C LYS B 524 3.92 13.95 -3.44
N LEU B 525 4.85 14.51 -2.67
CA LEU B 525 4.68 14.85 -1.25
C LEU B 525 4.69 16.37 -1.10
N VAL B 526 3.67 16.91 -0.42
CA VAL B 526 3.54 18.34 -0.13
C VAL B 526 3.94 18.56 1.33
N CYS B 527 4.98 19.37 1.55
CA CYS B 527 5.63 19.43 2.86
C CYS B 527 5.76 20.87 3.37
N ARG B 528 5.55 21.04 4.67
CA ARG B 528 5.71 22.35 5.32
C ARG B 528 7.13 22.53 5.84
N LYS B 529 7.83 23.51 5.29
CA LYS B 529 9.22 23.75 5.69
C LYS B 529 9.34 24.04 7.18
N SER B 530 8.58 25.02 7.66
CA SER B 530 8.77 25.51 9.03
C SER B 530 8.38 24.49 10.11
N ASP B 531 8.00 23.26 9.75
CA ASP B 531 7.57 22.25 10.73
C ASP B 531 8.28 20.91 10.47
N ASN B 532 9.61 20.92 10.41
CA ASN B 532 10.41 19.70 10.24
C ASN B 532 10.09 18.98 8.95
N MET B 533 9.63 19.72 7.93
CA MET B 533 9.30 19.16 6.61
C MET B 533 8.15 18.18 6.72
N ARG B 534 7.21 18.49 7.63
CA ARG B 534 6.01 17.68 7.86
C ARG B 534 5.27 17.44 6.56
N VAL B 535 4.77 16.21 6.39
CA VAL B 535 4.07 15.83 5.17
C VAL B 535 2.61 16.28 5.29
N LEU B 536 2.23 17.35 4.59
CA LEU B 536 0.86 17.85 4.64
C LEU B 536 -0.10 17.06 3.76
N GLY B 537 0.40 16.45 2.67
CA GLY B 537 -0.45 15.73 1.73
C GLY B 537 0.32 14.82 0.79
N LEU B 538 -0.19 13.61 0.56
CA LEU B 538 0.38 12.64 -0.37
C LEU B 538 -0.57 12.45 -1.55
N HIS B 539 0.00 12.22 -2.74
CA HIS B 539 -0.73 12.12 -4.01
C HIS B 539 -0.03 11.11 -4.91
N VAL B 540 -0.80 10.19 -5.52
CA VAL B 540 -0.19 9.22 -6.45
C VAL B 540 -1.19 8.81 -7.54
N LEU B 541 -0.74 8.88 -8.78
CA LEU B 541 -1.48 8.49 -9.97
C LEU B 541 -0.82 7.25 -10.55
N GLY B 542 -1.51 6.09 -10.49
CA GLY B 542 -0.96 4.83 -10.93
C GLY B 542 -1.88 3.65 -10.66
N PRO B 543 -1.50 2.47 -11.12
CA PRO B 543 -2.26 1.27 -10.78
C PRO B 543 -2.22 0.97 -9.28
N ASN B 544 -3.35 0.45 -8.75
CA ASN B 544 -3.46 0.00 -7.34
C ASN B 544 -3.25 1.16 -6.35
N ALA B 545 -3.68 2.36 -6.74
CA ALA B 545 -3.41 3.56 -5.94
C ALA B 545 -4.04 3.49 -4.56
N GLY B 546 -5.11 2.73 -4.39
CA GLY B 546 -5.68 2.58 -3.06
C GLY B 546 -4.81 1.74 -2.16
N GLU B 547 -4.34 0.60 -2.67
CA GLU B 547 -3.42 -0.22 -1.89
C GLU B 547 -2.13 0.53 -1.59
N ILE B 548 -1.73 1.45 -2.47
CA ILE B 548 -0.50 2.22 -2.24
C ILE B 548 -0.73 3.26 -1.15
N THR B 549 -1.84 3.98 -1.24
CA THR B 549 -2.06 5.12 -0.35
C THR B 549 -2.32 4.68 1.09
N GLN B 550 -2.99 3.55 1.28
CA GLN B 550 -3.66 3.30 2.57
C GLN B 550 -2.68 3.27 3.73
N GLY B 551 -1.64 2.45 3.64
CA GLY B 551 -0.66 2.38 4.72
C GLY B 551 -0.11 3.75 5.10
N TYR B 552 0.13 4.60 4.10
CA TYR B 552 0.68 5.93 4.40
C TYR B 552 -0.29 6.80 5.20
N ALA B 553 -1.60 6.50 5.15
CA ALA B 553 -2.55 7.21 5.99
C ALA B 553 -2.27 7.01 7.47
N VAL B 554 -1.73 5.85 7.86
CA VAL B 554 -1.32 5.68 9.26
C VAL B 554 -0.15 6.59 9.58
N ALA B 555 0.87 6.56 8.73
CA ALA B 555 2.05 7.39 8.97
C ALA B 555 1.68 8.86 9.06
N ILE B 556 0.74 9.31 8.21
CA ILE B 556 0.36 10.71 8.18
C ILE B 556 -0.48 11.08 9.40
N LYS B 557 -1.33 10.17 9.86
CA LYS B 557 -2.09 10.42 11.09
C LYS B 557 -1.14 10.54 12.28
N MET B 558 0.04 9.95 12.19
CA MET B 558 1.04 10.02 13.23
C MET B 558 2.00 11.19 13.07
N GLY B 559 1.80 12.05 12.07
CA GLY B 559 2.63 13.24 11.93
C GLY B 559 3.91 13.02 11.16
N ALA B 560 3.86 12.22 10.11
CA ALA B 560 5.07 11.86 9.37
C ALA B 560 5.74 13.10 8.76
N THR B 561 7.07 13.11 8.82
CA THR B 561 7.92 14.11 8.16
C THR B 561 8.62 13.48 6.96
N LYS B 562 9.18 14.33 6.10
CA LYS B 562 10.01 13.84 4.99
C LYS B 562 11.11 12.91 5.50
N ALA B 563 11.68 13.23 6.66
CA ALA B 563 12.77 12.42 7.22
C ALA B 563 12.30 11.01 7.51
N ASP B 564 11.10 10.86 8.07
CA ASP B 564 10.51 9.54 8.29
C ASP B 564 10.45 8.73 6.99
N PHE B 565 10.09 9.38 5.87
CA PHE B 565 10.01 8.68 4.59
C PHE B 565 11.40 8.30 4.09
N ASP B 566 12.40 9.15 4.33
CA ASP B 566 13.76 8.84 3.85
C ASP B 566 14.34 7.65 4.60
N ARG B 567 14.20 7.62 5.93
CA ARG B 567 14.89 6.60 6.71
C ARG B 567 14.21 5.25 6.63
N THR B 568 13.03 5.17 6.02
CA THR B 568 12.39 3.89 5.74
C THR B 568 12.84 3.37 4.38
N ILE B 569 13.09 2.06 4.30
CA ILE B 569 13.62 1.40 3.12
C ILE B 569 12.47 0.92 2.21
N GLY B 570 12.74 0.87 0.90
CA GLY B 570 11.73 0.46 -0.05
C GLY B 570 11.59 -1.05 -0.17
N ILE B 571 10.41 -1.47 -0.67
CA ILE B 571 10.16 -2.85 -1.10
C ILE B 571 10.25 -2.89 -2.61
N HIS B 572 11.06 -3.80 -3.14
CA HIS B 572 11.46 -3.78 -4.55
C HIS B 572 11.19 -5.12 -5.20
N PRO B 573 10.61 -5.15 -6.40
CA PRO B 573 10.15 -4.00 -7.20
C PRO B 573 8.68 -3.70 -6.98
N THR B 574 8.39 -2.50 -6.50
CA THR B 574 7.03 -2.01 -6.36
C THR B 574 6.95 -0.63 -6.98
N CYS B 575 5.72 -0.21 -7.27
CA CYS B 575 5.42 1.21 -7.50
C CYS B 575 5.57 2.02 -6.21
N SER B 576 5.07 1.49 -5.10
CA SER B 576 5.00 2.27 -3.86
C SER B 576 6.37 2.64 -3.29
N GLU B 577 7.42 1.91 -3.63
CA GLU B 577 8.73 2.18 -3.03
C GLU B 577 9.30 3.51 -3.48
N THR B 578 8.84 4.06 -4.61
CA THR B 578 9.31 5.36 -5.09
C THR B 578 9.04 6.52 -4.10
N PHE B 579 8.14 6.33 -3.14
CA PHE B 579 7.91 7.33 -2.10
C PHE B 579 9.07 7.42 -1.12
N THR B 580 9.85 6.35 -0.97
CA THR B 580 10.93 6.31 0.02
C THR B 580 12.21 6.99 -0.45
N THR B 581 12.31 7.41 -1.73
CA THR B 581 13.52 8.03 -2.21
C THR B 581 13.27 9.30 -3.04
N LEU B 582 12.12 9.95 -2.86
CA LEU B 582 11.89 11.21 -3.56
C LEU B 582 12.98 12.22 -3.22
N HIS B 583 13.34 13.07 -4.20
CA HIS B 583 14.38 14.06 -3.93
C HIS B 583 14.29 15.32 -4.80
N VAL B 584 13.65 15.24 -5.96
CA VAL B 584 13.55 16.41 -6.83
C VAL B 584 12.45 17.31 -6.31
N THR B 585 12.81 18.56 -6.00
CA THR B 585 11.83 19.53 -5.56
C THR B 585 11.28 20.33 -6.75
N LYS B 586 10.09 20.88 -6.57
CA LYS B 586 9.50 21.72 -7.61
C LYS B 586 10.22 23.06 -7.70
N LYS B 587 10.64 23.61 -6.55
CA LYS B 587 11.39 24.87 -6.57
C LYS B 587 12.70 24.73 -7.32
N SER B 588 13.29 23.54 -7.33
CA SER B 588 14.58 23.37 -8.01
C SER B 588 14.44 23.51 -9.51
N GLY B 589 13.27 23.21 -10.06
CA GLY B 589 13.11 23.26 -11.50
C GLY B 589 13.61 22.04 -12.24
N VAL B 590 14.20 21.07 -11.55
CA VAL B 590 14.68 19.85 -12.19
C VAL B 590 13.49 19.01 -12.66
N SER B 591 13.66 18.38 -13.82
CA SER B 591 12.59 17.56 -14.39
C SER B 591 12.29 16.34 -13.52
N PRO B 592 11.03 15.93 -13.43
CA PRO B 592 10.68 14.72 -12.66
C PRO B 592 10.63 13.44 -13.48
N ILE B 593 10.96 13.47 -14.76
CA ILE B 593 10.74 12.30 -15.62
C ILE B 593 11.74 11.20 -15.31
N VAL B 594 11.46 10.00 -15.85
CA VAL B 594 12.26 8.80 -15.65
C VAL B 594 13.39 8.71 -16.68
#